data_7TWA
#
_entry.id   7TWA
#
_cell.length_a   60.917
_cell.length_b   68.977
_cell.length_c   126.748
_cell.angle_alpha   90.000
_cell.angle_beta   89.990
_cell.angle_gamma   90.000
#
_symmetry.space_group_name_H-M   'P 1 21 1'
#
loop_
_entity.id
_entity.type
_entity.pdbx_description
1 polymer '4-chloro-allylglycine synthase'
2 non-polymer GLYCEROL
3 non-polymer 'ACETATE ION'
4 non-polymer 'SODIUM ION'
5 non-polymer 'MAGNESIUM ION'
6 non-polymer 1,3-BUTANEDIOL
7 water water
#
_entity_poly.entity_id   1
_entity_poly.type   'polypeptide(L)'
_entity_poly.pdbx_seq_one_letter_code
;(MSE)TDLNTPESTSKPVWEHFDHVEPGIRRRIAVADPEIKEYLDG(MSE)LARIASHRGVEHPFLNAYRTTALDPEQER
HLFSECYYFFRYLPFYITG(MSE)AVKTRDE(MSE)ILREIILNVADEVGSDPTHSTLFADFLARIGIDKEHLDGYQPLE
VTRQLNDGIRHLYTETSINKALGALYADET(MSE)SSI(MSE)VSKINDGLRNQGYDDDLRHFWQLHIDVEVGHSNSVFN
AIAPYVGSKAARAEFEEGVFEFLGLVERYWDGVRELVGIGK
;
_entity_poly.pdbx_strand_id   A,B,C,D
#
loop_
_chem_comp.id
_chem_comp.type
_chem_comp.name
_chem_comp.formula
ACT non-polymer 'ACETATE ION' 'C2 H3 O2 -1'
BU2 non-polymer 1,3-BUTANEDIOL 'C4 H10 O2'
GOL non-polymer GLYCEROL 'C3 H8 O3'
MG non-polymer 'MAGNESIUM ION' 'Mg 2'
NA non-polymer 'SODIUM ION' 'Na 1'
#
# COMPACT_ATOMS: atom_id res chain seq x y z
N ARG A 26 17.08 -11.73 -35.52
CA ARG A 26 17.88 -10.73 -36.23
C ARG A 26 19.30 -10.71 -35.69
N ARG A 27 19.45 -10.90 -34.38
CA ARG A 27 20.78 -10.85 -33.78
C ARG A 27 21.65 -12.02 -34.25
N ARG A 28 21.09 -13.20 -34.50
CA ARG A 28 21.96 -14.28 -34.93
C ARG A 28 22.37 -14.12 -36.39
N ILE A 29 21.57 -13.42 -37.20
CA ILE A 29 21.97 -13.16 -38.57
C ILE A 29 23.10 -12.14 -38.58
N ALA A 30 23.01 -11.11 -37.74
CA ALA A 30 24.03 -10.08 -37.70
C ALA A 30 25.35 -10.64 -37.17
N VAL A 31 25.29 -11.41 -36.08
CA VAL A 31 26.50 -11.97 -35.51
C VAL A 31 27.09 -13.02 -36.45
N ALA A 32 26.30 -13.56 -37.38
CA ALA A 32 26.80 -14.50 -38.36
C ALA A 32 27.29 -13.81 -39.63
N ASP A 33 26.98 -12.53 -39.79
CA ASP A 33 27.36 -11.75 -40.96
C ASP A 33 28.83 -11.35 -40.81
N PRO A 34 29.71 -11.87 -41.69
CA PRO A 34 31.14 -11.53 -41.58
C PRO A 34 31.46 -10.07 -41.75
N GLU A 35 30.67 -9.34 -42.52
CA GLU A 35 30.94 -7.91 -42.74
C GLU A 35 30.72 -7.11 -41.47
N ILE A 36 29.74 -7.49 -40.64
CA ILE A 36 29.46 -6.73 -39.43
C ILE A 36 30.64 -6.76 -38.47
N LYS A 37 31.30 -7.91 -38.35
CA LYS A 37 32.51 -7.98 -37.55
C LYS A 37 33.59 -7.06 -38.10
N GLU A 38 33.77 -7.04 -39.42
CA GLU A 38 34.77 -6.18 -40.02
C GLU A 38 34.41 -4.70 -39.86
N TYR A 39 33.13 -4.37 -39.98
CA TYR A 39 32.70 -2.98 -39.84
C TYR A 39 32.97 -2.47 -38.42
N LEU A 40 32.54 -3.22 -37.42
CA LEU A 40 32.69 -2.76 -36.04
C LEU A 40 34.16 -2.76 -35.62
N ASP A 41 34.97 -3.67 -36.18
CA ASP A 41 36.40 -3.62 -35.92
C ASP A 41 37.02 -2.40 -36.58
N GLY A 42 36.54 -2.03 -37.77
CA GLY A 42 37.01 -0.82 -38.40
C GLY A 42 36.64 0.43 -37.61
N MSE A 43 35.51 0.40 -36.93
CA MSE A 43 35.06 1.51 -36.10
CA MSE A 43 35.10 1.55 -36.14
C MSE A 43 35.94 1.66 -34.87
O MSE A 43 36.24 2.76 -34.43
CB MSE A 43 33.60 1.32 -35.69
CB MSE A 43 33.62 1.47 -35.78
CG MSE A 43 32.90 2.58 -35.26
CG MSE A 43 32.87 2.74 -36.13
SE MSE A 43 33.43 4.11 -36.34
SE MSE A 43 32.97 3.12 -38.04
CE MSE A 43 32.73 3.54 -38.07
CE MSE A 43 33.10 5.05 -37.95
N LEU A 44 36.34 0.51 -34.31
CA LEU A 44 37.25 0.51 -33.17
C LEU A 44 38.52 1.28 -33.49
N ALA A 45 39.10 1.03 -34.67
CA ALA A 45 40.31 1.74 -35.07
C ALA A 45 40.04 3.21 -35.34
N ARG A 46 38.92 3.52 -35.99
CA ARG A 46 38.57 4.91 -36.24
C ARG A 46 38.34 5.67 -34.94
N ILE A 47 37.83 5.00 -33.91
CA ILE A 47 37.61 5.66 -32.63
C ILE A 47 38.94 5.94 -31.94
N ALA A 48 39.78 4.92 -31.81
CA ALA A 48 41.04 5.07 -31.09
C ALA A 48 41.96 6.06 -31.79
N SER A 49 41.85 6.19 -33.11
CA SER A 49 42.69 7.11 -33.86
C SER A 49 42.08 8.50 -33.99
N HIS A 50 40.85 8.68 -33.51
CA HIS A 50 40.22 9.99 -33.53
C HIS A 50 41.00 10.96 -32.65
N ARG A 51 41.07 12.22 -33.08
CA ARG A 51 41.84 13.22 -32.34
C ARG A 51 41.25 13.47 -30.96
N GLY A 52 39.96 13.22 -30.77
CA GLY A 52 39.38 13.31 -29.44
C GLY A 52 39.90 12.26 -28.47
N VAL A 53 40.39 11.15 -28.99
CA VAL A 53 40.96 10.08 -28.16
C VAL A 53 42.48 10.21 -28.15
N GLU A 54 43.08 10.19 -29.34
CA GLU A 54 44.52 10.40 -29.48
C GLU A 54 44.78 11.92 -29.56
N HIS A 55 44.56 12.58 -28.43
CA HIS A 55 44.64 14.04 -28.35
C HIS A 55 46.04 14.49 -27.95
N PRO A 56 46.52 15.54 -28.61
CA PRO A 56 47.86 16.08 -28.29
C PRO A 56 48.03 16.46 -26.82
N PHE A 57 47.02 17.07 -26.21
CA PHE A 57 47.15 17.47 -24.80
C PHE A 57 47.34 16.25 -23.90
N LEU A 58 46.55 15.20 -24.12
CA LEU A 58 46.69 14.00 -23.31
C LEU A 58 48.05 13.35 -23.49
N ASN A 59 48.54 13.29 -24.73
CA ASN A 59 49.87 12.75 -24.97
C ASN A 59 50.94 13.66 -24.41
N ALA A 60 50.72 14.97 -24.42
CA ALA A 60 51.65 15.89 -23.77
C ALA A 60 51.68 15.66 -22.27
N TYR A 61 50.50 15.49 -21.66
CA TYR A 61 50.42 15.29 -20.22
C TYR A 61 51.15 14.02 -19.79
N ARG A 62 51.21 13.01 -20.65
CA ARG A 62 51.88 11.76 -20.31
C ARG A 62 53.35 11.96 -19.96
N THR A 63 53.98 13.02 -20.47
CA THR A 63 55.39 13.28 -20.26
C THR A 63 55.68 14.65 -19.66
N THR A 64 54.65 15.45 -19.37
CA THR A 64 54.80 16.81 -18.87
C THR A 64 54.09 16.94 -17.53
N ALA A 65 54.86 17.13 -16.46
CA ALA A 65 54.26 17.37 -15.16
C ALA A 65 53.59 18.75 -15.12
N LEU A 66 52.64 18.90 -14.22
CA LEU A 66 51.87 20.13 -14.11
C LEU A 66 52.13 20.79 -12.75
N ASP A 67 52.00 22.12 -12.72
CA ASP A 67 52.08 22.84 -11.47
C ASP A 67 50.71 22.76 -10.79
N PRO A 68 50.62 23.12 -9.51
CA PRO A 68 49.34 22.97 -8.79
C PRO A 68 48.13 23.57 -9.49
N GLU A 69 48.26 24.77 -10.06
CA GLU A 69 47.10 25.40 -10.72
C GLU A 69 46.75 24.68 -12.01
N GLN A 70 47.75 24.22 -12.75
CA GLN A 70 47.48 23.44 -13.96
C GLN A 70 46.78 22.14 -13.63
N GLU A 71 47.25 21.43 -12.60
CA GLU A 71 46.65 20.16 -12.21
C GLU A 71 45.24 20.36 -11.65
N ARG A 72 45.05 21.40 -10.83
CA ARG A 72 43.73 21.67 -10.30
C ARG A 72 42.73 21.94 -11.41
N HIS A 73 43.15 22.69 -12.44
CA HIS A 73 42.25 22.98 -13.55
C HIS A 73 41.92 21.73 -14.35
N LEU A 74 42.92 20.88 -14.61
CA LEU A 74 42.68 19.69 -15.43
C LEU A 74 41.63 18.78 -14.81
N PHE A 75 41.79 18.47 -13.54
CA PHE A 75 40.92 17.48 -12.89
C PHE A 75 39.63 18.08 -12.36
N SER A 76 39.56 19.41 -12.21
CA SER A 76 38.27 20.03 -11.94
C SER A 76 37.38 20.00 -13.17
N GLU A 77 37.96 20.20 -14.36
CA GLU A 77 37.18 20.04 -15.58
C GLU A 77 36.77 18.57 -15.76
N CYS A 78 37.65 17.64 -15.41
CA CYS A 78 37.30 16.23 -15.47
C CYS A 78 36.14 15.90 -14.55
N TYR A 79 36.11 16.52 -13.37
CA TYR A 79 35.01 16.28 -12.43
C TYR A 79 33.68 16.69 -13.04
N TYR A 80 33.62 17.88 -13.64
CA TYR A 80 32.37 18.29 -14.27
C TYR A 80 32.11 17.54 -15.57
N PHE A 81 33.16 16.98 -16.17
CA PHE A 81 32.96 16.04 -17.27
C PHE A 81 32.29 14.76 -16.77
N PHE A 82 32.81 14.17 -15.69
CA PHE A 82 32.36 12.86 -15.26
C PHE A 82 31.03 12.88 -14.53
N ARG A 83 30.59 14.03 -14.03
CA ARG A 83 29.49 14.07 -13.08
C ARG A 83 28.17 13.60 -13.69
N TYR A 84 27.54 12.64 -13.03
CA TYR A 84 26.20 12.12 -13.30
C TYR A 84 26.10 11.34 -14.61
N LEU A 85 27.22 10.94 -15.18
CA LEU A 85 27.17 10.12 -16.39
C LEU A 85 26.47 8.79 -16.17
N PRO A 86 26.64 8.07 -15.05
CA PRO A 86 25.87 6.82 -14.86
C PRO A 86 24.37 7.01 -14.97
N PHE A 87 23.85 8.17 -14.56
CA PHE A 87 22.41 8.38 -14.67
C PHE A 87 21.99 8.61 -16.12
N TYR A 88 22.90 9.15 -16.94
CA TYR A 88 22.53 9.48 -18.32
C TYR A 88 22.35 8.23 -19.16
N ILE A 89 23.25 7.25 -19.01
CA ILE A 89 23.15 6.08 -19.88
C ILE A 89 21.93 5.25 -19.53
N THR A 90 21.47 5.32 -18.28
CA THR A 90 20.27 4.58 -17.90
C THR A 90 19.04 5.12 -18.61
N GLY A 91 19.06 6.40 -19.01
CA GLY A 91 17.98 6.96 -19.79
C GLY A 91 17.86 6.41 -21.19
N MSE A 92 18.74 5.50 -21.58
CA MSE A 92 18.70 4.89 -22.89
C MSE A 92 17.69 3.74 -22.91
O MSE A 92 17.17 3.38 -23.97
CB MSE A 92 20.10 4.39 -23.26
CG MSE A 92 20.48 4.45 -24.72
SE MSE A 92 22.30 3.79 -24.92
CE MSE A 92 21.92 2.09 -25.74
N ALA A 93 17.43 3.17 -21.74
CA ALA A 93 16.68 1.93 -21.65
C ALA A 93 15.22 2.09 -22.08
N VAL A 94 14.65 3.29 -21.92
CA VAL A 94 13.27 3.49 -22.34
C VAL A 94 13.14 3.50 -23.86
N LYS A 95 14.24 3.64 -24.59
CA LYS A 95 14.20 3.74 -26.04
C LYS A 95 14.29 2.38 -26.73
N THR A 96 14.34 1.30 -25.97
CA THR A 96 14.51 -0.03 -26.55
C THR A 96 13.72 -1.03 -25.73
N ARG A 97 13.41 -2.17 -26.36
CA ARG A 97 12.87 -3.33 -25.67
C ARG A 97 13.78 -4.53 -25.82
N ASP A 98 15.04 -4.29 -26.17
CA ASP A 98 16.03 -5.34 -26.38
C ASP A 98 16.76 -5.58 -25.07
N GLU A 99 16.67 -6.81 -24.55
CA GLU A 99 17.28 -7.10 -23.26
C GLU A 99 18.80 -7.14 -23.31
N MSE A 100 19.38 -7.38 -24.47
CA MSE A 100 20.83 -7.31 -24.62
C MSE A 100 21.36 -5.88 -24.53
O MSE A 100 22.45 -5.66 -24.01
CB MSE A 100 21.26 -7.97 -25.93
CG MSE A 100 21.10 -9.49 -25.94
SE MSE A 100 21.46 -10.39 -24.23
CE MSE A 100 23.18 -11.26 -24.63
N ILE A 101 20.59 -4.92 -25.02
CA ILE A 101 20.93 -3.52 -24.83
C ILE A 101 20.76 -3.13 -23.36
N LEU A 102 19.63 -3.52 -22.77
CA LEU A 102 19.41 -3.25 -21.35
C LEU A 102 20.49 -3.87 -20.49
N ARG A 103 20.94 -5.08 -20.84
CA ARG A 103 22.01 -5.71 -20.09
C ARG A 103 23.30 -4.89 -20.17
N GLU A 104 23.62 -4.39 -21.37
CA GLU A 104 24.83 -3.59 -21.53
C GLU A 104 24.76 -2.30 -20.71
N ILE A 105 23.60 -1.64 -20.73
CA ILE A 105 23.41 -0.44 -19.94
C ILE A 105 23.59 -0.75 -18.46
N ILE A 106 22.87 -1.77 -17.98
CA ILE A 106 22.91 -2.09 -16.56
C ILE A 106 24.30 -2.51 -16.14
N LEU A 107 24.99 -3.29 -16.99
CA LEU A 107 26.34 -3.74 -16.66
C LEU A 107 27.29 -2.56 -16.49
N ASN A 108 27.17 -1.54 -17.34
CA ASN A 108 28.02 -0.37 -17.22
C ASN A 108 27.73 0.40 -15.95
N VAL A 109 26.44 0.62 -15.64
CA VAL A 109 26.09 1.39 -14.46
C VAL A 109 26.42 0.62 -13.19
N ALA A 110 26.21 -0.70 -13.22
CA ALA A 110 26.51 -1.51 -12.04
C ALA A 110 27.99 -1.45 -11.70
N ASP A 111 28.85 -1.29 -12.70
CA ASP A 111 30.28 -1.14 -12.42
C ASP A 111 30.57 0.15 -11.67
N GLU A 112 29.80 1.20 -11.93
CA GLU A 112 30.08 2.51 -11.34
C GLU A 112 29.48 2.68 -9.95
N VAL A 113 28.25 2.20 -9.72
CA VAL A 113 27.55 2.42 -8.47
C VAL A 113 27.09 1.14 -7.80
N GLY A 114 27.35 -0.03 -8.40
CA GLY A 114 26.80 -1.26 -7.86
C GLY A 114 27.32 -1.60 -6.48
N SER A 115 28.57 -1.26 -6.20
CA SER A 115 29.19 -1.60 -4.93
C SER A 115 29.81 -0.37 -4.29
N ASP A 116 30.27 -0.53 -3.06
CA ASP A 116 30.93 0.54 -2.34
C ASP A 116 32.42 0.22 -2.19
N PRO A 117 33.31 1.20 -2.43
CA PRO A 117 33.00 2.57 -2.84
C PRO A 117 32.58 2.69 -4.31
N THR A 118 31.67 3.62 -4.59
CA THR A 118 31.30 3.90 -5.96
C THR A 118 32.44 4.59 -6.69
N HIS A 119 32.34 4.63 -8.02
CA HIS A 119 33.40 5.27 -8.81
C HIS A 119 33.53 6.74 -8.49
N SER A 120 32.40 7.44 -8.35
CA SER A 120 32.45 8.86 -8.00
C SER A 120 33.06 9.07 -6.62
N THR A 121 32.83 8.14 -5.69
CA THR A 121 33.45 8.25 -4.38
C THR A 121 34.95 8.06 -4.46
N LEU A 122 35.41 7.10 -5.27
CA LEU A 122 36.83 6.93 -5.49
C LEU A 122 37.43 8.15 -6.19
N PHE A 123 36.67 8.74 -7.12
CA PHE A 123 37.16 9.91 -7.83
C PHE A 123 37.26 11.12 -6.90
N ALA A 124 36.22 11.35 -6.08
CA ALA A 124 36.28 12.47 -5.14
C ALA A 124 37.42 12.31 -4.14
N ASP A 125 37.76 11.07 -3.79
CA ASP A 125 38.88 10.83 -2.91
C ASP A 125 40.20 11.15 -3.60
N PHE A 126 40.35 10.75 -4.86
CA PHE A 126 41.54 11.10 -5.63
C PHE A 126 41.70 12.61 -5.72
N LEU A 127 40.61 13.32 -6.02
CA LEU A 127 40.68 14.77 -6.13
C LEU A 127 41.17 15.40 -4.83
N ALA A 128 40.64 14.93 -3.69
CA ALA A 128 41.07 15.46 -2.40
C ALA A 128 42.52 15.15 -2.15
N ARG A 129 42.97 13.97 -2.59
CA ARG A 129 44.35 13.56 -2.37
C ARG A 129 45.34 14.31 -3.26
N ILE A 130 44.87 15.05 -4.24
CA ILE A 130 45.73 15.93 -5.02
C ILE A 130 45.39 17.40 -4.76
N GLY A 131 44.76 17.70 -3.63
CA GLY A 131 44.51 19.06 -3.21
C GLY A 131 43.27 19.71 -3.74
N ILE A 132 42.26 18.94 -4.17
CA ILE A 132 41.02 19.48 -4.70
C ILE A 132 39.88 18.92 -3.87
N ASP A 133 39.37 19.71 -2.92
CA ASP A 133 38.33 19.23 -2.03
C ASP A 133 36.94 19.59 -2.57
N LYS A 134 35.92 19.00 -1.93
CA LYS A 134 34.55 19.28 -2.33
C LYS A 134 34.23 20.75 -2.21
N GLU A 135 34.82 21.40 -1.21
CA GLU A 135 34.56 22.80 -0.94
C GLU A 135 34.96 23.67 -2.13
N HIS A 136 36.12 23.39 -2.72
CA HIS A 136 36.58 24.12 -3.90
C HIS A 136 35.77 23.73 -5.14
N LEU A 137 35.42 22.45 -5.26
CA LEU A 137 34.70 21.98 -6.44
C LEU A 137 33.33 22.62 -6.56
N ASP A 138 32.64 22.80 -5.43
CA ASP A 138 31.30 23.40 -5.46
C ASP A 138 31.33 24.81 -6.03
N GLY A 139 32.39 25.57 -5.75
CA GLY A 139 32.52 26.90 -6.27
C GLY A 139 33.20 27.01 -7.62
N TYR A 140 33.57 25.89 -8.21
CA TYR A 140 34.26 25.89 -9.48
C TYR A 140 33.28 25.99 -10.64
N GLN A 141 33.55 26.90 -11.58
CA GLN A 141 32.77 27.05 -12.79
C GLN A 141 33.51 26.43 -13.96
N PRO A 142 33.09 25.26 -14.44
CA PRO A 142 33.83 24.60 -15.54
C PRO A 142 33.67 25.35 -16.85
N LEU A 143 34.54 24.98 -17.80
CA LEU A 143 34.48 25.56 -19.14
C LEU A 143 33.15 25.25 -19.82
N GLU A 144 32.79 26.10 -20.78
CA GLU A 144 31.57 25.85 -21.52
C GLU A 144 31.66 24.59 -22.35
N VAL A 145 32.84 24.25 -22.88
CA VAL A 145 32.96 23.00 -23.61
C VAL A 145 32.79 21.81 -22.68
N THR A 146 33.10 21.99 -21.39
CA THR A 146 32.88 20.94 -20.41
C THR A 146 31.39 20.77 -20.11
N ARG A 147 30.65 21.86 -19.98
CA ARG A 147 29.21 21.75 -19.83
C ARG A 147 28.57 21.13 -21.06
N GLN A 148 29.04 21.53 -22.24
CA GLN A 148 28.50 20.98 -23.48
C GLN A 148 28.81 19.51 -23.64
N LEU A 149 29.98 19.07 -23.17
CA LEU A 149 30.32 17.65 -23.25
C LEU A 149 29.41 16.84 -22.33
N ASN A 150 29.25 17.27 -21.08
CA ASN A 150 28.42 16.53 -20.13
C ASN A 150 26.97 16.51 -20.58
N ASP A 151 26.42 17.68 -20.93
CA ASP A 151 25.05 17.72 -21.42
C ASP A 151 24.90 17.01 -22.75
N GLY A 152 25.93 17.07 -23.61
CA GLY A 152 25.85 16.41 -24.90
C GLY A 152 25.77 14.90 -24.76
N ILE A 153 26.49 14.34 -23.79
CA ILE A 153 26.41 12.90 -23.55
C ILE A 153 25.02 12.52 -23.07
N ARG A 154 24.44 13.33 -22.17
CA ARG A 154 23.09 13.07 -21.71
C ARG A 154 22.10 13.11 -22.86
N HIS A 155 22.25 14.10 -23.75
CA HIS A 155 21.38 14.18 -24.91
C HIS A 155 21.55 12.97 -25.81
N LEU A 156 22.79 12.53 -26.04
CA LEU A 156 23.05 11.43 -26.96
C LEU A 156 22.48 10.11 -26.46
N TYR A 157 22.47 9.89 -25.15
CA TYR A 157 21.98 8.64 -24.59
C TYR A 157 20.47 8.62 -24.39
N THR A 158 19.83 9.77 -24.22
CA THR A 158 18.44 9.82 -23.83
C THR A 158 17.51 10.47 -24.84
N GLU A 159 18.05 11.20 -25.82
CA GLU A 159 17.20 11.97 -26.73
C GLU A 159 17.50 11.68 -28.20
N THR A 160 18.15 10.56 -28.50
CA THR A 160 18.48 10.20 -29.87
C THR A 160 17.95 8.81 -30.16
N SER A 161 17.97 8.44 -31.43
CA SER A 161 17.56 7.11 -31.83
C SER A 161 18.46 6.06 -31.19
N ILE A 162 17.91 4.85 -31.05
CA ILE A 162 18.64 3.78 -30.38
C ILE A 162 19.93 3.43 -31.13
N ASN A 163 19.91 3.53 -32.46
CA ASN A 163 21.11 3.28 -33.24
C ASN A 163 22.16 4.37 -33.00
N LYS A 164 21.71 5.63 -32.96
CA LYS A 164 22.63 6.73 -32.69
C LYS A 164 23.18 6.67 -31.29
N ALA A 165 22.32 6.43 -30.30
CA ALA A 165 22.78 6.32 -28.92
C ALA A 165 23.75 5.17 -28.76
N LEU A 166 23.55 4.09 -29.52
CA LEU A 166 24.48 2.96 -29.46
C LEU A 166 25.83 3.34 -30.05
N GLY A 167 25.84 4.23 -31.04
CA GLY A 167 27.11 4.72 -31.55
C GLY A 167 27.88 5.49 -30.49
N ALA A 168 27.19 6.38 -29.79
CA ALA A 168 27.81 7.09 -28.67
C ALA A 168 28.28 6.10 -27.60
N LEU A 169 27.47 5.08 -27.31
CA LEU A 169 27.87 4.09 -26.32
C LEU A 169 29.09 3.31 -26.76
N TYR A 170 29.18 2.97 -28.04
CA TYR A 170 30.35 2.28 -28.56
C TYR A 170 31.59 3.16 -28.46
N ALA A 171 31.45 4.44 -28.79
CA ALA A 171 32.57 5.36 -28.69
C ALA A 171 33.02 5.54 -27.24
N ASP A 172 32.06 5.74 -26.34
CA ASP A 172 32.38 5.90 -24.92
C ASP A 172 33.11 4.68 -24.39
N GLU A 173 32.59 3.48 -24.67
CA GLU A 173 33.18 2.27 -24.13
C GLU A 173 34.57 2.02 -24.68
N THR A 174 34.78 2.30 -25.96
CA THR A 174 36.08 2.08 -26.58
C THR A 174 37.11 3.12 -26.11
N MSE A 175 36.70 4.37 -26.00
CA MSE A 175 37.63 5.44 -25.69
C MSE A 175 38.05 5.48 -24.21
O MSE A 175 39.22 5.69 -23.91
CB MSE A 175 37.03 6.78 -26.06
CG MSE A 175 37.78 7.95 -25.49
SE MSE A 175 36.59 9.34 -24.90
CE MSE A 175 36.41 8.80 -23.04
N SER A 176 37.08 5.29 -23.31
CA SER A 176 37.31 5.47 -21.88
C SER A 176 38.56 4.75 -21.40
N SER A 177 38.74 3.50 -21.83
CA SER A 177 39.90 2.74 -21.39
C SER A 177 41.20 3.37 -21.87
N ILE A 178 41.21 3.93 -23.08
CA ILE A 178 42.40 4.57 -23.61
C ILE A 178 42.70 5.84 -22.84
N MSE A 179 41.67 6.67 -22.65
CA MSE A 179 41.77 7.95 -21.98
C MSE A 179 42.28 7.85 -20.55
O MSE A 179 43.19 8.57 -20.16
CB MSE A 179 40.40 8.61 -21.99
CG MSE A 179 40.41 10.10 -21.78
SE MSE A 179 38.74 10.64 -20.99
CE MSE A 179 39.13 10.10 -19.17
N VAL A 180 41.71 6.94 -19.76
CA VAL A 180 42.15 6.81 -18.39
C VAL A 180 43.57 6.27 -18.33
N SER A 181 43.97 5.46 -19.31
CA SER A 181 45.35 4.98 -19.34
C SER A 181 46.31 6.13 -19.59
N LYS A 182 45.94 7.08 -20.46
CA LYS A 182 46.80 8.23 -20.71
C LYS A 182 46.89 9.12 -19.48
N ILE A 183 45.75 9.37 -18.82
CA ILE A 183 45.75 10.15 -17.59
C ILE A 183 46.54 9.44 -16.50
N ASN A 184 46.38 8.12 -16.42
CA ASN A 184 47.18 7.34 -15.47
C ASN A 184 48.67 7.51 -15.75
N ASP A 185 49.06 7.53 -17.03
CA ASP A 185 50.45 7.74 -17.40
C ASP A 185 50.94 9.10 -16.93
N GLY A 186 50.15 10.15 -17.16
CA GLY A 186 50.56 11.48 -16.74
C GLY A 186 50.68 11.61 -15.24
N LEU A 187 49.74 11.02 -14.50
CA LEU A 187 49.82 11.05 -13.05
C LEU A 187 51.02 10.27 -12.54
N ARG A 188 51.36 9.17 -13.21
CA ARG A 188 52.57 8.44 -12.83
C ARG A 188 53.82 9.26 -13.13
N ASN A 189 53.81 10.00 -14.26
CA ASN A 189 54.93 10.87 -14.58
C ASN A 189 55.05 12.01 -13.58
N GLN A 190 53.93 12.52 -13.10
CA GLN A 190 53.96 13.56 -12.07
C GLN A 190 54.60 13.05 -10.79
N GLY A 191 54.54 11.75 -10.55
CA GLY A 191 55.21 11.15 -9.41
C GLY A 191 54.29 10.45 -8.44
N TYR A 192 53.00 10.38 -8.76
CA TYR A 192 52.04 9.74 -7.86
C TYR A 192 52.16 8.23 -7.94
N ASP A 193 51.93 7.57 -6.80
CA ASP A 193 52.08 6.12 -6.75
C ASP A 193 50.78 5.44 -7.17
N ASP A 194 50.85 4.11 -7.26
CA ASP A 194 49.71 3.34 -7.77
C ASP A 194 48.51 3.44 -6.84
N ASP A 195 48.74 3.53 -5.53
CA ASP A 195 47.64 3.67 -4.58
C ASP A 195 46.83 4.94 -4.86
N LEU A 196 47.51 6.07 -5.02
CA LEU A 196 46.82 7.31 -5.32
C LEU A 196 46.13 7.26 -6.68
N ARG A 197 46.75 6.59 -7.65
CA ARG A 197 46.22 6.48 -9.00
C ARG A 197 45.21 5.35 -9.15
N HIS A 198 44.76 4.77 -8.04
CA HIS A 198 43.90 3.58 -8.09
C HIS A 198 42.67 3.80 -8.96
N PHE A 199 42.04 4.98 -8.86
CA PHE A 199 40.85 5.24 -9.65
C PHE A 199 41.13 5.12 -11.14
N TRP A 200 42.31 5.54 -11.58
CA TRP A 200 42.67 5.49 -12.99
C TRP A 200 43.27 4.15 -13.39
N GLN A 201 43.34 3.19 -12.48
CA GLN A 201 43.84 1.86 -12.77
C GLN A 201 42.77 0.82 -12.50
N LEU A 202 41.53 1.15 -12.83
CA LEU A 202 40.42 0.22 -12.81
C LEU A 202 39.99 -0.18 -14.22
N HIS A 203 40.81 0.12 -15.22
CA HIS A 203 40.48 -0.17 -16.61
C HIS A 203 41.67 -0.77 -17.35
N ASN A 212 33.04 -9.23 -26.57
CA ASN A 212 32.06 -10.07 -27.27
C ASN A 212 30.64 -9.67 -26.90
N SER A 213 30.46 -9.24 -25.66
CA SER A 213 29.14 -8.82 -25.21
C SER A 213 28.69 -7.55 -25.91
N VAL A 214 29.60 -6.59 -26.10
CA VAL A 214 29.22 -5.36 -26.78
C VAL A 214 28.98 -5.62 -28.26
N PHE A 215 29.77 -6.52 -28.86
CA PHE A 215 29.56 -6.86 -30.26
C PHE A 215 28.22 -7.54 -30.46
N ASN A 216 27.88 -8.52 -29.61
CA ASN A 216 26.61 -9.20 -29.71
C ASN A 216 25.43 -8.24 -29.61
N ALA A 217 25.50 -7.28 -28.69
CA ALA A 217 24.39 -6.36 -28.49
C ALA A 217 24.23 -5.41 -29.66
N ILE A 218 25.32 -4.88 -30.19
CA ILE A 218 25.26 -3.81 -31.19
C ILE A 218 25.09 -4.35 -32.62
N ALA A 219 25.57 -5.57 -32.89
CA ALA A 219 25.56 -6.11 -34.24
C ALA A 219 24.26 -5.93 -35.01
N PRO A 220 23.08 -6.25 -34.47
CA PRO A 220 21.84 -6.05 -35.23
C PRO A 220 21.55 -4.60 -35.58
N TYR A 221 22.24 -3.65 -34.98
CA TYR A 221 21.96 -2.24 -35.18
C TYR A 221 22.90 -1.58 -36.18
N VAL A 222 23.81 -2.34 -36.80
CA VAL A 222 24.73 -1.80 -37.80
C VAL A 222 24.68 -2.66 -39.06
N GLY A 223 23.50 -3.11 -39.43
CA GLY A 223 23.37 -3.96 -40.60
C GLY A 223 23.25 -3.20 -41.88
N SER A 224 22.26 -2.32 -41.98
CA SER A 224 22.05 -1.52 -43.17
C SER A 224 22.91 -0.26 -43.13
N LYS A 225 23.10 0.34 -44.30
CA LYS A 225 23.87 1.58 -44.35
C LYS A 225 23.12 2.73 -43.69
N ALA A 226 21.78 2.67 -43.67
CA ALA A 226 21.03 3.70 -42.96
C ALA A 226 21.20 3.57 -41.45
N ALA A 227 21.24 2.33 -40.95
CA ALA A 227 21.49 2.12 -39.53
C ALA A 227 22.92 2.51 -39.18
N ARG A 228 23.87 2.22 -40.08
CA ARG A 228 25.26 2.61 -39.86
C ARG A 228 25.43 4.12 -39.86
N ALA A 229 24.63 4.83 -40.67
CA ALA A 229 24.70 6.29 -40.69
C ALA A 229 24.32 6.89 -39.35
N GLU A 230 23.28 6.36 -38.72
CA GLU A 230 22.91 6.83 -37.39
C GLU A 230 23.94 6.40 -36.36
N PHE A 231 24.43 5.16 -36.48
CA PHE A 231 25.48 4.67 -35.58
C PHE A 231 26.73 5.54 -35.65
N GLU A 232 27.20 5.81 -36.87
CA GLU A 232 28.40 6.61 -37.03
C GLU A 232 28.16 8.06 -36.63
N GLU A 233 26.94 8.56 -36.86
CA GLU A 233 26.60 9.89 -36.37
C GLU A 233 26.75 9.96 -34.86
N GLY A 234 26.32 8.90 -34.16
CA GLY A 234 26.49 8.88 -32.72
C GLY A 234 27.93 8.75 -32.29
N VAL A 235 28.72 7.97 -33.05
CA VAL A 235 30.13 7.78 -32.73
C VAL A 235 30.87 9.12 -32.83
N PHE A 236 30.67 9.82 -33.94
CA PHE A 236 31.46 11.02 -34.23
C PHE A 236 30.93 12.27 -33.56
N GLU A 237 29.63 12.33 -33.24
CA GLU A 237 29.13 13.43 -32.42
C GLU A 237 29.67 13.36 -31.01
N PHE A 238 29.75 12.14 -30.45
CA PHE A 238 30.34 11.95 -29.13
C PHE A 238 31.80 12.37 -29.12
N LEU A 239 32.57 11.84 -30.06
CA LEU A 239 34.01 12.12 -30.10
C LEU A 239 34.29 13.58 -30.42
N GLY A 240 33.42 14.23 -31.20
CA GLY A 240 33.58 15.65 -31.44
C GLY A 240 33.43 16.46 -30.18
N LEU A 241 32.49 16.06 -29.32
CA LEU A 241 32.35 16.74 -28.03
C LEU A 241 33.59 16.56 -27.18
N VAL A 242 34.14 15.35 -27.16
CA VAL A 242 35.32 15.07 -26.35
C VAL A 242 36.53 15.85 -26.88
N GLU A 243 36.68 15.92 -28.20
CA GLU A 243 37.82 16.62 -28.77
C GLU A 243 37.80 18.10 -28.41
N ARG A 244 36.63 18.74 -28.59
CA ARG A 244 36.51 20.16 -28.24
C ARG A 244 36.69 20.40 -26.76
N TYR A 245 36.36 19.40 -25.93
CA TYR A 245 36.60 19.51 -24.50
C TYR A 245 38.10 19.55 -24.21
N TRP A 246 38.84 18.58 -24.74
CA TRP A 246 40.28 18.55 -24.52
C TRP A 246 40.96 19.75 -25.16
N ASP A 247 40.38 20.31 -26.23
CA ASP A 247 40.91 21.54 -26.82
C ASP A 247 40.83 22.68 -25.82
N GLY A 248 39.68 22.83 -25.16
CA GLY A 248 39.53 23.88 -24.15
C GLY A 248 40.38 23.65 -22.92
N VAL A 249 40.50 22.39 -22.49
CA VAL A 249 41.34 22.07 -21.34
C VAL A 249 42.80 22.36 -21.66
N ARG A 250 43.23 22.06 -22.89
CA ARG A 250 44.61 22.32 -23.28
C ARG A 250 44.93 23.81 -23.20
N GLU A 251 44.01 24.66 -23.67
CA GLU A 251 44.21 26.10 -23.58
C GLU A 251 44.15 26.59 -22.14
N LEU A 252 43.31 25.96 -21.32
CA LEU A 252 43.21 26.36 -19.92
C LEU A 252 44.45 25.95 -19.14
N VAL A 253 45.01 24.79 -19.43
CA VAL A 253 46.17 24.31 -18.67
C VAL A 253 47.45 25.00 -19.14
N GLY A 254 47.60 25.21 -20.45
CA GLY A 254 48.74 25.95 -20.97
C GLY A 254 50.09 25.25 -21.00
N ILE A 255 51.14 25.98 -20.63
CA ILE A 255 52.51 25.49 -20.72
C ILE A 255 53.01 25.03 -19.35
N ARG B 26 -41.00 11.35 26.23
CA ARG B 26 -39.59 11.66 26.01
C ARG B 26 -39.43 12.59 24.83
N ARG B 27 -40.24 12.36 23.78
CA ARG B 27 -40.19 13.23 22.62
C ARG B 27 -40.67 14.64 22.95
N ARG B 28 -41.57 14.78 23.91
CA ARG B 28 -42.12 16.10 24.19
C ARG B 28 -41.16 16.98 24.98
N ILE B 29 -40.24 16.40 25.74
CA ILE B 29 -39.21 17.20 26.39
C ILE B 29 -38.08 17.52 25.41
N ALA B 30 -37.69 16.55 24.58
CA ALA B 30 -36.53 16.74 23.70
C ALA B 30 -36.80 17.82 22.66
N VAL B 31 -37.98 17.82 22.05
CA VAL B 31 -38.27 18.82 21.03
C VAL B 31 -38.39 20.21 21.62
N ALA B 32 -38.55 20.32 22.94
CA ALA B 32 -38.60 21.60 23.61
C ALA B 32 -37.24 22.08 24.10
N ASP B 33 -36.24 21.20 24.11
CA ASP B 33 -34.90 21.52 24.58
C ASP B 33 -34.13 22.30 23.52
N PRO B 34 -33.79 23.56 23.78
CA PRO B 34 -33.01 24.33 22.81
C PRO B 34 -31.64 23.73 22.54
N GLU B 35 -31.06 23.04 23.53
CA GLU B 35 -29.74 22.44 23.35
C GLU B 35 -29.77 21.33 22.31
N ILE B 36 -30.87 20.56 22.25
CA ILE B 36 -30.96 19.49 21.26
C ILE B 36 -31.04 20.06 19.86
N LYS B 37 -31.77 21.15 19.68
CA LYS B 37 -31.79 21.82 18.38
C LYS B 37 -30.40 22.29 18.00
N GLU B 38 -29.66 22.86 18.96
CA GLU B 38 -28.31 23.34 18.65
C GLU B 38 -27.40 22.18 18.28
N TYR B 39 -27.52 21.05 18.97
CA TYR B 39 -26.68 19.90 18.65
C TYR B 39 -27.00 19.36 17.26
N LEU B 40 -28.29 19.10 16.99
CA LEU B 40 -28.66 18.49 15.71
C LEU B 40 -28.49 19.45 14.54
N ASP B 41 -28.71 20.75 14.74
CA ASP B 41 -28.42 21.69 13.67
C ASP B 41 -26.92 21.83 13.46
N GLY B 42 -26.14 21.74 14.55
CA GLY B 42 -24.70 21.73 14.40
C GLY B 42 -24.19 20.49 13.69
N MSE B 43 -24.87 19.36 13.87
CA MSE B 43 -24.47 18.14 13.20
C MSE B 43 -24.74 18.23 11.70
O MSE B 43 -24.09 17.56 10.91
CB MSE B 43 -25.20 16.94 13.80
CG MSE B 43 -24.67 16.51 15.16
SE MSE B 43 -22.83 15.84 15.06
CE MSE B 43 -22.96 14.93 13.34
N LEU B 44 -25.71 19.07 11.33
CA LEU B 44 -25.96 19.34 9.91
C LEU B 44 -24.72 19.92 9.25
N ALA B 45 -24.09 20.91 9.91
CA ALA B 45 -22.89 21.52 9.36
C ALA B 45 -21.73 20.55 9.36
N ARG B 46 -21.59 19.74 10.41
CA ARG B 46 -20.52 18.74 10.45
C ARG B 46 -20.67 17.72 9.33
N ILE B 47 -21.91 17.39 8.97
CA ILE B 47 -22.12 16.46 7.86
C ILE B 47 -21.78 17.13 6.54
N ALA B 48 -22.31 18.33 6.31
CA ALA B 48 -22.10 19.03 5.05
C ALA B 48 -20.62 19.34 4.83
N SER B 49 -19.85 19.51 5.90
CA SER B 49 -18.43 19.81 5.79
C SER B 49 -17.56 18.57 5.75
N HIS B 50 -18.15 17.38 5.92
CA HIS B 50 -17.38 16.15 5.85
C HIS B 50 -16.80 15.96 4.45
N ARG B 51 -15.58 15.43 4.39
CA ARG B 51 -14.89 15.25 3.12
C ARG B 51 -15.63 14.26 2.21
N GLY B 52 -16.40 13.34 2.79
CA GLY B 52 -17.23 12.47 2.00
C GLY B 52 -18.36 13.18 1.27
N VAL B 53 -18.78 14.34 1.78
CA VAL B 53 -19.84 15.13 1.17
C VAL B 53 -19.22 16.21 0.30
N GLU B 54 -18.40 17.06 0.91
CA GLU B 54 -17.65 18.07 0.17
C GLU B 54 -16.35 17.43 -0.33
N HIS B 55 -16.51 16.53 -1.30
CA HIS B 55 -15.39 15.74 -1.81
C HIS B 55 -14.71 16.45 -2.97
N PRO B 56 -13.37 16.45 -2.98
CA PRO B 56 -12.65 17.08 -4.09
C PRO B 56 -13.04 16.57 -5.46
N PHE B 57 -13.18 15.25 -5.61
CA PHE B 57 -13.54 14.69 -6.91
C PHE B 57 -14.91 15.18 -7.36
N LEU B 58 -15.88 15.22 -6.44
CA LEU B 58 -17.22 15.70 -6.78
C LEU B 58 -17.17 17.16 -7.18
N ASN B 59 -16.40 17.98 -6.46
CA ASN B 59 -16.27 19.38 -6.84
C ASN B 59 -15.51 19.54 -8.15
N ALA B 60 -14.55 18.65 -8.43
CA ALA B 60 -13.85 18.70 -9.70
C ALA B 60 -14.79 18.39 -10.86
N TYR B 61 -15.63 17.36 -10.72
CA TYR B 61 -16.54 16.97 -11.78
C TYR B 61 -17.51 18.09 -12.14
N ARG B 62 -17.85 18.95 -11.18
CA ARG B 62 -18.76 20.05 -11.46
C ARG B 62 -18.24 20.99 -12.54
N THR B 63 -16.92 21.03 -12.76
CA THR B 63 -16.33 21.91 -13.76
C THR B 63 -15.45 21.19 -14.77
N THR B 64 -15.32 19.87 -14.68
CA THR B 64 -14.44 19.10 -15.56
C THR B 64 -15.26 18.02 -16.27
N ALA B 65 -15.42 18.16 -17.58
CA ALA B 65 -16.13 17.16 -18.37
C ALA B 65 -15.33 15.86 -18.43
N LEU B 66 -16.05 14.77 -18.68
CA LEU B 66 -15.45 13.43 -18.75
C LEU B 66 -15.62 12.84 -20.13
N ASP B 67 -14.71 11.95 -20.50
CA ASP B 67 -14.85 11.22 -21.74
C ASP B 67 -15.80 10.04 -21.50
N PRO B 68 -16.27 9.39 -22.57
CA PRO B 68 -17.24 8.29 -22.39
C PRO B 68 -16.82 7.22 -21.39
N GLU B 69 -15.56 6.78 -21.42
CA GLU B 69 -15.15 5.71 -20.51
C GLU B 69 -15.10 6.22 -19.07
N GLN B 70 -14.68 7.47 -18.87
CA GLN B 70 -14.72 8.05 -17.53
C GLN B 70 -16.16 8.17 -17.04
N GLU B 71 -17.05 8.62 -17.91
CA GLU B 71 -18.46 8.77 -17.56
C GLU B 71 -19.11 7.42 -17.31
N ARG B 72 -18.74 6.40 -18.10
CA ARG B 72 -19.27 5.07 -17.86
C ARG B 72 -18.82 4.53 -16.50
N HIS B 73 -17.56 4.74 -16.15
CA HIS B 73 -17.05 4.26 -14.87
C HIS B 73 -17.73 4.95 -13.70
N LEU B 74 -17.92 6.26 -13.79
CA LEU B 74 -18.50 7.02 -12.69
C LEU B 74 -19.91 6.52 -12.36
N PHE B 75 -20.76 6.42 -13.38
CA PHE B 75 -22.16 6.13 -13.16
C PHE B 75 -22.45 4.64 -13.04
N SER B 76 -21.53 3.78 -13.50
CA SER B 76 -21.65 2.36 -13.19
C SER B 76 -21.36 2.11 -11.72
N GLU B 77 -20.37 2.80 -11.15
CA GLU B 77 -20.13 2.68 -9.72
C GLU B 77 -21.29 3.24 -8.93
N CYS B 78 -21.88 4.34 -9.40
CA CYS B 78 -23.05 4.91 -8.72
C CYS B 78 -24.21 3.93 -8.70
N TYR B 79 -24.36 3.15 -9.78
CA TYR B 79 -25.46 2.19 -9.85
C TYR B 79 -25.35 1.17 -8.72
N TYR B 80 -24.15 0.61 -8.51
CA TYR B 80 -23.98 -0.35 -7.44
C TYR B 80 -23.97 0.30 -6.07
N PHE B 81 -23.66 1.59 -6.00
CA PHE B 81 -23.87 2.33 -4.76
C PHE B 81 -25.37 2.41 -4.45
N PHE B 82 -26.17 2.81 -5.44
CA PHE B 82 -27.58 3.10 -5.21
C PHE B 82 -28.45 1.85 -5.11
N ARG B 83 -27.97 0.70 -5.59
CA ARG B 83 -28.84 -0.46 -5.77
C ARG B 83 -29.36 -1.02 -4.45
N TYR B 84 -30.69 -1.15 -4.36
CA TYR B 84 -31.42 -1.78 -3.28
C TYR B 84 -31.38 -1.00 -1.97
N LEU B 85 -30.95 0.26 -1.99
CA LEU B 85 -30.94 1.05 -0.77
C LEU B 85 -32.34 1.22 -0.15
N PRO B 86 -33.42 1.44 -0.90
CA PRO B 86 -34.74 1.50 -0.26
C PRO B 86 -35.10 0.28 0.57
N PHE B 87 -34.64 -0.90 0.17
CA PHE B 87 -34.96 -2.10 0.93
C PHE B 87 -34.20 -2.17 2.25
N TYR B 88 -33.02 -1.55 2.31
CA TYR B 88 -32.19 -1.63 3.51
C TYR B 88 -32.77 -0.84 4.67
N ILE B 89 -33.34 0.33 4.39
CA ILE B 89 -33.79 1.22 5.45
C ILE B 89 -34.97 0.62 6.20
N THR B 90 -35.76 -0.24 5.55
CA THR B 90 -36.89 -0.86 6.23
C THR B 90 -36.48 -1.78 7.36
N GLY B 91 -35.25 -2.30 7.34
CA GLY B 91 -34.76 -3.12 8.42
C GLY B 91 -34.54 -2.41 9.73
N MSE B 92 -34.73 -1.10 9.76
CA MSE B 92 -34.59 -0.31 10.98
C MSE B 92 -35.83 -0.45 11.86
O MSE B 92 -35.78 -0.20 13.06
CB MSE B 92 -34.34 1.15 10.62
CG MSE B 92 -33.97 2.06 11.77
SE MSE B 92 -33.30 3.77 11.13
CE MSE B 92 -34.95 4.79 11.04
N ALA B 93 -36.94 -0.86 11.24
CA ALA B 93 -38.22 -0.92 11.94
C ALA B 93 -38.23 -2.01 13.00
N VAL B 94 -37.41 -3.07 12.84
CA VAL B 94 -37.38 -4.12 13.84
C VAL B 94 -36.71 -3.64 15.12
N LYS B 95 -35.95 -2.55 15.05
CA LYS B 95 -35.23 -2.03 16.20
C LYS B 95 -36.03 -1.01 16.99
N THR B 96 -37.25 -0.70 16.56
CA THR B 96 -38.02 0.34 17.22
C THR B 96 -39.50 -0.01 17.19
N ARG B 97 -40.22 0.57 18.13
CA ARG B 97 -41.68 0.58 18.13
C ARG B 97 -42.21 2.00 18.08
N ASP B 98 -41.36 2.93 17.63
CA ASP B 98 -41.68 4.35 17.54
C ASP B 98 -42.28 4.64 16.18
N GLU B 99 -43.53 5.13 16.18
CA GLU B 99 -44.24 5.38 14.94
C GLU B 99 -43.67 6.57 14.17
N MSE B 100 -42.99 7.49 14.85
CA MSE B 100 -42.39 8.63 14.18
C MSE B 100 -41.14 8.19 13.43
O MSE B 100 -40.86 8.64 12.33
CB MSE B 100 -42.08 9.75 15.16
CG MSE B 100 -43.32 10.37 15.80
SE MSE B 100 -44.56 11.12 14.50
CE MSE B 100 -45.84 9.67 14.34
N ILE B 101 -40.38 7.28 14.05
CA ILE B 101 -39.26 6.65 13.36
C ILE B 101 -39.77 5.83 12.18
N LEU B 102 -40.80 5.02 12.41
CA LEU B 102 -41.39 4.24 11.34
C LEU B 102 -41.92 5.14 10.23
N ARG B 103 -42.51 6.28 10.60
CA ARG B 103 -43.01 7.21 9.59
C ARG B 103 -41.88 7.74 8.70
N GLU B 104 -40.73 8.06 9.29
CA GLU B 104 -39.61 8.56 8.51
C GLU B 104 -39.15 7.51 7.50
N ILE B 105 -39.10 6.24 7.92
CA ILE B 105 -38.74 5.16 7.00
C ILE B 105 -39.71 5.10 5.83
N ILE B 106 -41.01 5.06 6.13
CA ILE B 106 -42.01 4.92 5.08
C ILE B 106 -41.94 6.09 4.10
N LEU B 107 -41.77 7.30 4.63
CA LEU B 107 -41.67 8.48 3.78
C LEU B 107 -40.46 8.38 2.86
N ASN B 108 -39.35 7.86 3.38
CA ASN B 108 -38.14 7.73 2.59
C ASN B 108 -38.34 6.75 1.44
N VAL B 109 -38.92 5.60 1.73
CA VAL B 109 -39.12 4.58 0.69
C VAL B 109 -40.20 5.01 -0.28
N ALA B 110 -41.25 5.67 0.21
CA ALA B 110 -42.33 6.11 -0.66
C ALA B 110 -41.83 7.08 -1.71
N ASP B 111 -40.80 7.87 -1.39
CA ASP B 111 -40.24 8.76 -2.40
C ASP B 111 -39.58 7.98 -3.53
N GLU B 112 -39.00 6.82 -3.22
CA GLU B 112 -38.27 6.05 -4.21
C GLU B 112 -39.17 5.11 -5.01
N VAL B 113 -40.15 4.49 -4.36
CA VAL B 113 -40.99 3.46 -5.00
C VAL B 113 -42.46 3.79 -4.94
N GLY B 114 -42.85 4.92 -4.35
CA GLY B 114 -44.27 5.20 -4.17
C GLY B 114 -45.03 5.38 -5.47
N SER B 115 -44.38 5.92 -6.50
CA SER B 115 -45.05 6.20 -7.76
C SER B 115 -44.24 5.62 -8.90
N ASP B 116 -44.84 5.67 -10.09
CA ASP B 116 -44.22 5.21 -11.31
C ASP B 116 -43.89 6.40 -12.20
N PRO B 117 -42.69 6.43 -12.81
CA PRO B 117 -41.64 5.43 -12.65
C PRO B 117 -40.93 5.59 -11.31
N THR B 118 -40.49 4.48 -10.73
CA THR B 118 -39.71 4.54 -9.50
C THR B 118 -38.34 5.16 -9.79
N HIS B 119 -37.65 5.54 -8.70
CA HIS B 119 -36.35 6.17 -8.85
C HIS B 119 -35.36 5.24 -9.57
N SER B 120 -35.35 3.97 -9.22
CA SER B 120 -34.45 3.02 -9.89
C SER B 120 -34.80 2.89 -11.37
N THR B 121 -36.08 2.99 -11.71
CA THR B 121 -36.45 2.96 -13.13
C THR B 121 -36.05 4.25 -13.83
N LEU B 122 -36.24 5.39 -13.17
CA LEU B 122 -35.78 6.66 -13.74
C LEU B 122 -34.26 6.68 -13.85
N PHE B 123 -33.57 6.09 -12.87
CA PHE B 123 -32.11 6.07 -12.90
C PHE B 123 -31.60 5.20 -14.04
N ALA B 124 -32.19 4.02 -14.23
CA ALA B 124 -31.78 3.16 -15.33
C ALA B 124 -32.04 3.82 -16.68
N ASP B 125 -33.07 4.66 -16.75
CA ASP B 125 -33.33 5.40 -17.98
C ASP B 125 -32.28 6.47 -18.22
N PHE B 126 -31.87 7.17 -17.16
CA PHE B 126 -30.77 8.11 -17.29
C PHE B 126 -29.50 7.40 -17.73
N LEU B 127 -29.20 6.26 -17.13
CA LEU B 127 -28.02 5.50 -17.50
C LEU B 127 -28.06 5.08 -18.96
N ALA B 128 -29.22 4.61 -19.44
CA ALA B 128 -29.32 4.19 -20.83
C ALA B 128 -29.11 5.35 -21.79
N ARG B 129 -29.58 6.53 -21.43
CA ARG B 129 -29.45 7.69 -22.32
C ARG B 129 -28.05 8.26 -22.36
N ILE B 130 -27.15 7.84 -21.47
CA ILE B 130 -25.75 8.24 -21.54
C ILE B 130 -24.86 7.07 -21.92
N GLY B 131 -25.41 6.05 -22.59
CA GLY B 131 -24.63 4.97 -23.12
C GLY B 131 -24.33 3.84 -22.16
N ILE B 132 -25.13 3.68 -21.12
CA ILE B 132 -24.92 2.64 -20.11
C ILE B 132 -26.17 1.77 -20.12
N ASP B 133 -26.09 0.62 -20.80
CA ASP B 133 -27.24 -0.26 -20.98
C ASP B 133 -27.26 -1.36 -19.92
N LYS B 134 -28.37 -2.12 -19.91
CA LYS B 134 -28.53 -3.18 -18.93
C LYS B 134 -27.44 -4.24 -19.06
N GLU B 135 -27.03 -4.56 -20.28
CA GLU B 135 -26.04 -5.61 -20.49
C GLU B 135 -24.70 -5.23 -19.87
N HIS B 136 -24.27 -3.98 -20.01
CA HIS B 136 -22.99 -3.57 -19.45
C HIS B 136 -23.03 -3.54 -17.93
N LEU B 137 -24.15 -3.10 -17.35
CA LEU B 137 -24.27 -3.06 -15.90
C LEU B 137 -24.24 -4.46 -15.31
N ASP B 138 -24.91 -5.42 -15.96
CA ASP B 138 -24.96 -6.79 -15.45
C ASP B 138 -23.56 -7.40 -15.38
N GLY B 139 -22.73 -7.11 -16.37
CA GLY B 139 -21.39 -7.62 -16.35
C GLY B 139 -20.38 -6.72 -15.68
N TYR B 140 -20.81 -5.60 -15.12
CA TYR B 140 -19.90 -4.68 -14.49
C TYR B 140 -19.60 -5.12 -13.06
N GLN B 141 -18.32 -5.20 -12.73
CA GLN B 141 -17.88 -5.54 -11.39
C GLN B 141 -17.45 -4.26 -10.68
N PRO B 142 -18.23 -3.75 -9.74
CA PRO B 142 -17.89 -2.48 -9.09
C PRO B 142 -16.67 -2.62 -8.19
N LEU B 143 -16.12 -1.47 -7.82
CA LEU B 143 -14.99 -1.43 -6.91
C LEU B 143 -15.39 -2.02 -5.56
N GLU B 144 -14.38 -2.51 -4.84
CA GLU B 144 -14.63 -3.04 -3.52
C GLU B 144 -15.17 -1.97 -2.58
N VAL B 145 -14.75 -0.72 -2.75
CA VAL B 145 -15.27 0.35 -1.92
C VAL B 145 -16.74 0.60 -2.21
N THR B 146 -17.20 0.29 -3.43
CA THR B 146 -18.62 0.43 -3.74
C THR B 146 -19.44 -0.67 -3.08
N ARG B 147 -18.94 -1.92 -3.12
CA ARG B 147 -19.62 -3.00 -2.41
C ARG B 147 -19.63 -2.74 -0.90
N GLN B 148 -18.51 -2.25 -0.36
CA GLN B 148 -18.44 -1.96 1.07
C GLN B 148 -19.37 -0.82 1.45
N LEU B 149 -19.57 0.15 0.57
CA LEU B 149 -20.51 1.23 0.85
C LEU B 149 -21.94 0.70 0.85
N ASN B 150 -22.31 -0.07 -0.17
CA ASN B 150 -23.67 -0.60 -0.23
C ASN B 150 -23.93 -1.58 0.92
N ASP B 151 -23.01 -2.52 1.13
CA ASP B 151 -23.15 -3.45 2.25
C ASP B 151 -23.06 -2.73 3.59
N GLY B 152 -22.23 -1.69 3.68
CA GLY B 152 -22.12 -0.96 4.93
C GLY B 152 -23.40 -0.23 5.29
N ILE B 153 -24.09 0.32 4.30
CA ILE B 153 -25.37 0.99 4.56
C ILE B 153 -26.39 -0.02 5.04
N ARG B 154 -26.43 -1.20 4.43
CA ARG B 154 -27.35 -2.24 4.90
C ARG B 154 -27.03 -2.64 6.33
N HIS B 155 -25.75 -2.81 6.65
CA HIS B 155 -25.37 -3.13 8.02
C HIS B 155 -25.77 -2.04 8.99
N LEU B 156 -25.56 -0.77 8.60
CA LEU B 156 -25.87 0.34 9.50
C LEU B 156 -27.37 0.44 9.73
N TYR B 157 -28.18 0.11 8.73
CA TYR B 157 -29.62 0.23 8.83
C TYR B 157 -30.27 -0.97 9.48
N THR B 158 -29.63 -2.14 9.45
CA THR B 158 -30.26 -3.38 9.89
C THR B 158 -29.56 -4.07 11.06
N GLU B 159 -28.32 -3.70 11.40
CA GLU B 159 -27.57 -4.44 12.41
C GLU B 159 -27.03 -3.56 13.52
N THR B 160 -27.55 -2.34 13.68
CA THR B 160 -27.07 -1.45 14.72
C THR B 160 -28.21 -0.99 15.60
N SER B 161 -27.86 -0.36 16.72
CA SER B 161 -28.85 0.21 17.63
C SER B 161 -29.64 1.30 16.92
N ILE B 162 -30.83 1.58 17.45
CA ILE B 162 -31.69 2.56 16.80
C ILE B 162 -31.06 3.94 16.78
N ASN B 163 -30.28 4.27 17.82
CA ASN B 163 -29.60 5.57 17.82
C ASN B 163 -28.52 5.62 16.74
N LYS B 164 -27.76 4.54 16.59
CA LYS B 164 -26.73 4.49 15.56
C LYS B 164 -27.35 4.49 14.17
N ALA B 165 -28.39 3.68 13.97
CA ALA B 165 -29.05 3.63 12.66
C ALA B 165 -29.65 4.99 12.31
N LEU B 166 -30.13 5.72 13.31
CA LEU B 166 -30.65 7.06 13.07
C LEU B 166 -29.54 8.03 12.67
N GLY B 167 -28.34 7.81 13.19
CA GLY B 167 -27.20 8.62 12.78
C GLY B 167 -26.87 8.42 11.31
N ALA B 168 -26.82 7.15 10.87
CA ALA B 168 -26.61 6.89 9.46
C ALA B 168 -27.72 7.51 8.62
N LEU B 169 -28.97 7.40 9.08
CA LEU B 169 -30.07 8.00 8.34
C LEU B 169 -29.96 9.52 8.33
N TYR B 170 -29.54 10.12 9.44
CA TYR B 170 -29.36 11.56 9.50
C TYR B 170 -28.29 12.02 8.53
N ALA B 171 -27.18 11.28 8.45
CA ALA B 171 -26.15 11.59 7.48
C ALA B 171 -26.65 11.37 6.06
N ASP B 172 -27.34 10.25 5.83
CA ASP B 172 -27.84 9.94 4.50
C ASP B 172 -28.80 11.02 3.99
N GLU B 173 -29.75 11.41 4.82
CA GLU B 173 -30.74 12.39 4.38
C GLU B 173 -30.12 13.76 4.14
N THR B 174 -29.15 14.15 4.96
CA THR B 174 -28.55 15.46 4.79
C THR B 174 -27.67 15.52 3.55
N MSE B 175 -26.89 14.48 3.32
CA MSE B 175 -25.96 14.43 2.19
C MSE B 175 -26.66 14.27 0.84
O MSE B 175 -26.16 14.71 -0.19
CB MSE B 175 -24.97 13.30 2.40
CG MSE B 175 -24.03 13.06 1.24
SE MSE B 175 -23.25 11.30 1.33
CE MSE B 175 -24.73 10.32 0.52
N SER B 176 -27.85 13.64 0.88
CA SER B 176 -28.50 13.22 -0.37
C SER B 176 -28.74 14.39 -1.31
N SER B 177 -29.31 15.49 -0.81
CA SER B 177 -29.60 16.63 -1.66
C SER B 177 -28.31 17.30 -2.14
N ILE B 178 -27.29 17.36 -1.28
CA ILE B 178 -26.04 18.02 -1.65
C ILE B 178 -25.33 17.23 -2.75
N MSE B 179 -25.14 15.94 -2.52
CA MSE B 179 -24.41 15.08 -3.42
C MSE B 179 -25.07 15.01 -4.80
O MSE B 179 -24.40 15.04 -5.83
CB MSE B 179 -24.31 13.69 -2.82
CG MSE B 179 -23.43 12.75 -3.57
SE MSE B 179 -23.82 10.94 -3.01
CE MSE B 179 -25.42 10.67 -4.10
N VAL B 180 -26.39 14.93 -4.80
CA VAL B 180 -27.11 14.88 -6.07
C VAL B 180 -27.03 16.21 -6.78
N SER B 181 -26.98 17.31 -6.03
CA SER B 181 -26.81 18.62 -6.66
C SER B 181 -25.43 18.75 -7.30
N LYS B 182 -24.40 18.21 -6.65
CA LYS B 182 -23.05 18.27 -7.22
C LYS B 182 -22.96 17.45 -8.50
N ILE B 183 -23.55 16.26 -8.50
CA ILE B 183 -23.57 15.44 -9.71
C ILE B 183 -24.39 16.11 -10.80
N ASN B 184 -25.51 16.74 -10.43
CA ASN B 184 -26.29 17.50 -11.39
C ASN B 184 -25.46 18.62 -12.02
N ASP B 185 -24.63 19.29 -11.22
CA ASP B 185 -23.76 20.35 -11.74
C ASP B 185 -22.82 19.80 -12.80
N GLY B 186 -22.19 18.66 -12.52
CA GLY B 186 -21.27 18.08 -13.48
C GLY B 186 -21.96 17.65 -14.77
N LEU B 187 -23.15 17.06 -14.65
CA LEU B 187 -23.88 16.65 -15.85
C LEU B 187 -24.30 17.86 -16.67
N ARG B 188 -24.67 18.96 -16.01
CA ARG B 188 -24.98 20.16 -16.77
C ARG B 188 -23.73 20.74 -17.42
N ASN B 189 -22.59 20.67 -16.73
CA ASN B 189 -21.33 21.13 -17.32
C ASN B 189 -20.93 20.26 -18.51
N GLN B 190 -21.21 18.96 -18.43
CA GLN B 190 -20.93 18.09 -19.57
C GLN B 190 -21.75 18.49 -20.78
N GLY B 191 -22.91 19.10 -20.57
CA GLY B 191 -23.70 19.62 -21.67
C GLY B 191 -25.08 19.01 -21.77
N TYR B 192 -25.47 18.19 -20.79
CA TYR B 192 -26.75 17.51 -20.84
C TYR B 192 -27.90 18.45 -20.49
N ASP B 193 -29.04 18.24 -21.14
CA ASP B 193 -30.19 19.11 -20.95
C ASP B 193 -31.01 18.63 -19.76
N ASP B 194 -32.04 19.41 -19.42
CA ASP B 194 -32.80 19.17 -18.20
C ASP B 194 -33.55 17.84 -18.24
N ASP B 195 -34.03 17.42 -19.42
CA ASP B 195 -34.75 16.16 -19.50
C ASP B 195 -33.86 14.99 -19.08
N LEU B 196 -32.64 14.92 -19.62
CA LEU B 196 -31.75 13.83 -19.26
C LEU B 196 -31.35 13.89 -17.79
N ARG B 197 -31.18 15.09 -17.24
CA ARG B 197 -30.77 15.26 -15.86
C ARG B 197 -31.92 15.22 -14.87
N HIS B 198 -33.11 14.84 -15.33
CA HIS B 198 -34.31 14.91 -14.48
C HIS B 198 -34.13 14.12 -13.19
N PHE B 199 -33.55 12.92 -13.27
CA PHE B 199 -33.38 12.09 -12.09
C PHE B 199 -32.60 12.80 -10.99
N TRP B 200 -31.64 13.63 -11.37
CA TRP B 200 -30.77 14.31 -10.42
C TRP B 200 -31.38 15.59 -9.88
N GLN B 201 -32.65 15.85 -10.16
CA GLN B 201 -33.35 17.01 -9.61
C GLN B 201 -34.53 16.60 -8.76
N LEU B 202 -34.77 15.30 -8.61
CA LEU B 202 -35.85 14.77 -7.77
C LEU B 202 -35.65 15.15 -6.31
N GLY B 209 -42.12 21.07 5.47
CA GLY B 209 -41.54 21.01 6.79
C GLY B 209 -40.83 19.69 7.06
N HIS B 210 -40.09 19.21 6.06
CA HIS B 210 -39.45 17.90 6.18
C HIS B 210 -38.37 17.90 7.26
N SER B 211 -37.53 18.94 7.28
CA SER B 211 -36.44 18.99 8.26
C SER B 211 -36.98 19.07 9.69
N ASN B 212 -38.14 19.69 9.87
CA ASN B 212 -38.78 19.69 11.19
C ASN B 212 -39.27 18.29 11.56
N SER B 213 -39.72 17.52 10.57
CA SER B 213 -40.17 16.17 10.86
C SER B 213 -39.00 15.28 11.27
N VAL B 214 -37.85 15.42 10.61
CA VAL B 214 -36.70 14.60 10.95
C VAL B 214 -36.16 15.00 12.32
N PHE B 215 -36.19 16.29 12.63
CA PHE B 215 -35.76 16.74 13.95
C PHE B 215 -36.69 16.21 15.02
N ASN B 216 -38.00 16.31 14.77
CA ASN B 216 -38.98 15.80 15.72
C ASN B 216 -38.75 14.31 16.00
N ALA B 217 -38.42 13.55 14.97
CA ALA B 217 -38.22 12.11 15.14
C ALA B 217 -36.94 11.82 15.91
N ILE B 218 -35.85 12.52 15.60
CA ILE B 218 -34.55 12.15 16.13
C ILE B 218 -34.28 12.76 17.51
N ALA B 219 -34.89 13.90 17.83
CA ALA B 219 -34.59 14.63 19.06
C ALA B 219 -34.54 13.75 20.32
N PRO B 220 -35.53 12.88 20.59
CA PRO B 220 -35.43 12.05 21.81
C PRO B 220 -34.26 11.07 21.80
N TYR B 221 -33.61 10.86 20.65
CA TYR B 221 -32.55 9.87 20.56
C TYR B 221 -31.16 10.46 20.67
N VAL B 222 -31.03 11.77 20.89
CA VAL B 222 -29.72 12.40 21.03
C VAL B 222 -29.70 13.23 22.30
N GLY B 223 -30.30 12.71 23.37
CA GLY B 223 -30.37 13.44 24.61
C GLY B 223 -29.15 13.24 25.48
N SER B 224 -28.84 11.99 25.80
CA SER B 224 -27.71 11.70 26.66
C SER B 224 -26.41 11.66 25.87
N LYS B 225 -25.30 11.77 26.60
CA LYS B 225 -23.99 11.70 25.96
C LYS B 225 -23.70 10.30 25.44
N ALA B 226 -24.27 9.27 26.06
CA ALA B 226 -24.11 7.92 25.55
C ALA B 226 -24.92 7.73 24.27
N ALA B 227 -26.13 8.29 24.22
CA ALA B 227 -26.94 8.19 23.00
C ALA B 227 -26.33 8.99 21.87
N ARG B 228 -25.77 10.18 22.19
CA ARG B 228 -25.14 10.99 21.16
C ARG B 228 -23.88 10.33 20.63
N ALA B 229 -23.16 9.60 21.48
CA ALA B 229 -21.98 8.86 21.01
C ALA B 229 -22.37 7.77 20.03
N GLU B 230 -23.46 7.06 20.30
CA GLU B 230 -23.94 6.03 19.38
C GLU B 230 -24.48 6.67 18.11
N PHE B 231 -25.21 7.77 18.24
CA PHE B 231 -25.72 8.50 17.07
C PHE B 231 -24.57 8.94 16.18
N GLU B 232 -23.55 9.56 16.78
CA GLU B 232 -22.43 10.10 16.00
C GLU B 232 -21.62 8.99 15.34
N GLU B 233 -21.55 7.81 15.95
CA GLU B 233 -20.91 6.68 15.29
C GLU B 233 -21.60 6.37 13.96
N GLY B 234 -22.94 6.44 13.92
CA GLY B 234 -23.65 6.12 12.69
C GLY B 234 -23.48 7.17 11.59
N VAL B 235 -23.51 8.45 11.95
CA VAL B 235 -23.35 9.48 10.92
C VAL B 235 -21.94 9.41 10.34
N PHE B 236 -20.93 9.25 11.19
CA PHE B 236 -19.55 9.33 10.71
C PHE B 236 -19.06 8.02 10.11
N GLU B 237 -19.63 6.88 10.51
CA GLU B 237 -19.33 5.64 9.78
C GLU B 237 -19.96 5.68 8.39
N PHE B 238 -21.17 6.24 8.29
CA PHE B 238 -21.79 6.40 6.97
C PHE B 238 -20.96 7.30 6.08
N LEU B 239 -20.58 8.47 6.59
CA LEU B 239 -19.82 9.40 5.78
C LEU B 239 -18.43 8.86 5.48
N GLY B 240 -17.86 8.08 6.38
CA GLY B 240 -16.57 7.46 6.11
C GLY B 240 -16.62 6.47 4.95
N LEU B 241 -17.70 5.68 4.88
CA LEU B 241 -17.86 4.77 3.75
C LEU B 241 -18.02 5.55 2.44
N VAL B 242 -18.77 6.64 2.47
CA VAL B 242 -18.98 7.44 1.27
C VAL B 242 -17.68 8.09 0.84
N GLU B 243 -16.88 8.57 1.80
CA GLU B 243 -15.61 9.21 1.48
C GLU B 243 -14.64 8.26 0.80
N ARG B 244 -14.47 7.06 1.37
CA ARG B 244 -13.60 6.07 0.75
C ARG B 244 -14.14 5.61 -0.60
N TYR B 245 -15.46 5.66 -0.78
CA TYR B 245 -16.04 5.32 -2.07
C TYR B 245 -15.65 6.35 -3.13
N TRP B 246 -15.85 7.63 -2.83
CA TRP B 246 -15.49 8.66 -3.79
C TRP B 246 -13.99 8.70 -4.04
N ASP B 247 -13.18 8.34 -3.04
CA ASP B 247 -11.75 8.22 -3.27
C ASP B 247 -11.45 7.14 -4.30
N GLY B 248 -12.10 5.98 -4.17
CA GLY B 248 -11.89 4.91 -5.13
C GLY B 248 -12.41 5.23 -6.52
N VAL B 249 -13.56 5.91 -6.59
CA VAL B 249 -14.08 6.35 -7.88
C VAL B 249 -13.12 7.36 -8.52
N ARG B 250 -12.57 8.25 -7.70
CA ARG B 250 -11.64 9.25 -8.20
C ARG B 250 -10.42 8.61 -8.84
N GLU B 251 -9.88 7.56 -8.21
CA GLU B 251 -8.74 6.87 -8.78
C GLU B 251 -9.12 6.13 -10.05
N LEU B 252 -10.32 5.57 -10.09
CA LEU B 252 -10.76 4.83 -11.26
C LEU B 252 -11.04 5.75 -12.43
N VAL B 253 -11.62 6.93 -12.17
CA VAL B 253 -12.00 7.81 -13.27
C VAL B 253 -10.79 8.55 -13.82
N GLY B 254 -9.89 9.02 -12.95
CA GLY B 254 -8.67 9.66 -13.41
C GLY B 254 -8.87 11.04 -14.00
N ARG C 26 -25.63 -8.64 55.67
CA ARG C 26 -24.25 -8.31 55.35
C ARG C 26 -24.19 -7.36 54.15
N ARG C 27 -25.03 -7.62 53.14
CA ARG C 27 -25.06 -6.73 51.98
C ARG C 27 -25.60 -5.35 52.36
N ARG C 28 -26.50 -5.28 53.33
CA ARG C 28 -27.13 -4.01 53.66
C ARG C 28 -26.21 -3.07 54.42
N ILE C 29 -25.25 -3.60 55.17
CA ILE C 29 -24.26 -2.73 55.81
C ILE C 29 -23.16 -2.33 54.85
N ALA C 30 -22.66 -3.26 54.03
CA ALA C 30 -21.51 -3.00 53.18
C ALA C 30 -21.77 -1.91 52.14
N VAL C 31 -22.95 -1.96 51.49
CA VAL C 31 -23.21 -0.99 50.44
C VAL C 31 -23.36 0.42 50.99
N ALA C 32 -23.58 0.57 52.29
CA ALA C 32 -23.66 1.88 52.91
C ALA C 32 -22.32 2.38 53.44
N ASP C 33 -21.32 1.52 53.52
CA ASP C 33 -20.01 1.88 54.03
C ASP C 33 -19.20 2.63 52.97
N PRO C 34 -18.89 3.91 53.21
CA PRO C 34 -18.08 4.66 52.23
C PRO C 34 -16.69 4.09 52.02
N GLU C 35 -16.09 3.45 53.04
CA GLU C 35 -14.75 2.91 52.87
C GLU C 35 -14.75 1.75 51.89
N ILE C 36 -15.80 0.92 51.91
CA ILE C 36 -15.87 -0.20 50.97
C ILE C 36 -16.03 0.33 49.56
N LYS C 37 -16.81 1.40 49.38
CA LYS C 37 -16.88 2.07 48.09
C LYS C 37 -15.51 2.59 47.67
N GLU C 38 -14.75 3.14 48.61
CA GLU C 38 -13.41 3.65 48.28
C GLU C 38 -12.48 2.51 47.88
N TYR C 39 -12.58 1.36 48.56
CA TYR C 39 -11.71 0.23 48.25
C TYR C 39 -11.99 -0.30 46.84
N LEU C 40 -13.25 -0.57 46.53
CA LEU C 40 -13.58 -1.13 45.22
C LEU C 40 -13.35 -0.14 44.09
N ASP C 41 -13.50 1.16 44.37
CA ASP C 41 -13.14 2.16 43.37
C ASP C 41 -11.63 2.20 43.18
N GLY C 42 -10.88 2.00 44.26
CA GLY C 42 -9.43 1.90 44.13
C GLY C 42 -8.99 0.69 43.34
N MSE C 43 -9.65 -0.45 43.55
CA MSE C 43 -9.31 -1.66 42.82
C MSE C 43 -9.67 -1.51 41.35
O MSE C 43 -9.05 -2.13 40.50
CB MSE C 43 -10.02 -2.87 43.41
CG MSE C 43 -9.55 -3.23 44.82
SE MSE C 43 -7.70 -3.86 44.87
CE MSE C 43 -7.85 -5.33 43.60
N LEU C 44 -10.67 -0.68 41.05
CA LEU C 44 -10.97 -0.34 39.67
C LEU C 44 -9.76 0.30 39.00
N ALA C 45 -9.13 1.25 39.68
CA ALA C 45 -7.95 1.92 39.13
C ALA C 45 -6.77 0.97 39.05
N ARG C 46 -6.59 0.13 40.07
CA ARG C 46 -5.50 -0.85 40.05
C ARG C 46 -5.66 -1.86 38.93
N ILE C 47 -6.90 -2.20 38.58
CA ILE C 47 -7.12 -3.15 37.48
C ILE C 47 -6.77 -2.49 36.15
N ALA C 48 -7.29 -1.29 35.91
CA ALA C 48 -7.03 -0.59 34.65
C ALA C 48 -5.55 -0.29 34.47
N SER C 49 -4.82 -0.11 35.58
CA SER C 49 -3.39 0.20 35.53
C SER C 49 -2.52 -1.04 35.48
N HIS C 50 -3.10 -2.23 35.61
CA HIS C 50 -2.30 -3.45 35.54
C HIS C 50 -1.71 -3.60 34.14
N ARG C 51 -0.48 -4.13 34.10
CA ARG C 51 0.21 -4.27 32.82
C ARG C 51 -0.51 -5.26 31.91
N GLY C 52 -1.26 -6.22 32.48
CA GLY C 52 -2.06 -7.10 31.66
C GLY C 52 -3.20 -6.40 30.95
N VAL C 53 -3.65 -5.27 31.46
CA VAL C 53 -4.74 -4.51 30.85
C VAL C 53 -4.14 -3.40 30.00
N GLU C 54 -3.32 -2.55 30.63
CA GLU C 54 -2.58 -1.52 29.90
C GLU C 54 -1.26 -2.13 29.41
N HIS C 55 -1.40 -3.02 28.42
CA HIS C 55 -0.28 -3.80 27.89
C HIS C 55 0.38 -3.08 26.72
N PRO C 56 1.72 -3.06 26.69
CA PRO C 56 2.43 -2.42 25.56
C PRO C 56 2.05 -2.97 24.20
N PHE C 57 1.89 -4.28 24.06
CA PHE C 57 1.54 -4.84 22.77
C PHE C 57 0.18 -4.34 22.31
N LEU C 58 -0.80 -4.30 23.21
CA LEU C 58 -2.12 -3.81 22.84
C LEU C 58 -2.09 -2.34 22.47
N ASN C 59 -1.33 -1.53 23.21
CA ASN C 59 -1.20 -0.12 22.86
C ASN C 59 -0.41 0.07 21.57
N ALA C 60 0.55 -0.82 21.30
CA ALA C 60 1.25 -0.76 20.02
C ALA C 60 0.30 -1.09 18.87
N TYR C 61 -0.52 -2.13 19.04
CA TYR C 61 -1.43 -2.55 17.98
C TYR C 61 -2.42 -1.45 17.62
N ARG C 62 -2.75 -0.58 18.58
CA ARG C 62 -3.69 0.50 18.31
C ARG C 62 -3.21 1.43 17.20
N THR C 63 -1.89 1.50 16.95
CA THR C 63 -1.37 2.38 15.92
C THR C 63 -0.48 1.68 14.89
N THR C 64 -0.30 0.37 14.99
CA THR C 64 0.60 -0.39 14.12
C THR C 64 -0.20 -1.47 13.40
N ALA C 65 -0.36 -1.34 12.09
CA ALA C 65 -1.03 -2.35 11.29
C ALA C 65 -0.21 -3.64 11.22
N LEU C 66 -0.90 -4.75 10.96
CA LEU C 66 -0.28 -6.07 10.91
C LEU C 66 -0.41 -6.66 9.51
N ASP C 67 0.53 -7.54 9.17
CA ASP C 67 0.44 -8.29 7.93
C ASP C 67 -0.48 -9.49 8.15
N PRO C 68 -0.92 -10.15 7.07
CA PRO C 68 -1.86 -11.27 7.22
C PRO C 68 -1.45 -12.36 8.20
N GLU C 69 -0.17 -12.77 8.21
CA GLU C 69 0.23 -13.83 9.12
C GLU C 69 0.25 -13.33 10.57
N GLN C 70 0.66 -12.08 10.78
CA GLN C 70 0.61 -11.50 12.11
C GLN C 70 -0.83 -11.43 12.62
N GLU C 71 -1.75 -10.98 11.76
CA GLU C 71 -3.15 -10.87 12.14
C GLU C 71 -3.77 -12.22 12.39
N ARG C 72 -3.41 -13.23 11.57
CA ARG C 72 -3.90 -14.57 11.80
C ARG C 72 -3.43 -15.10 13.14
N HIS C 73 -2.19 -14.79 13.51
CA HIS C 73 -1.67 -15.28 14.79
C HIS C 73 -2.37 -14.62 15.96
N LEU C 74 -2.58 -13.31 15.89
CA LEU C 74 -3.17 -12.58 17.01
C LEU C 74 -4.56 -13.10 17.34
N PHE C 75 -5.42 -13.22 16.33
CA PHE C 75 -6.81 -13.55 16.57
C PHE C 75 -7.07 -15.05 16.66
N SER C 76 -6.15 -15.89 16.22
CA SER C 76 -6.25 -17.32 16.52
C SER C 76 -5.97 -17.58 17.99
N GLU C 77 -5.00 -16.86 18.56
CA GLU C 77 -4.78 -16.97 20.00
C GLU C 77 -5.98 -16.43 20.77
N CYS C 78 -6.58 -15.34 20.28
CA CYS C 78 -7.77 -14.80 20.92
C CYS C 78 -8.92 -15.80 20.90
N TYR C 79 -9.04 -16.56 19.81
CA TYR C 79 -10.12 -17.54 19.70
C TYR C 79 -10.02 -18.56 20.82
N TYR C 80 -8.83 -19.11 21.07
CA TYR C 80 -8.66 -20.07 22.14
C TYR C 80 -8.69 -19.42 23.51
N PHE C 81 -8.41 -18.12 23.59
CA PHE C 81 -8.63 -17.39 24.83
C PHE C 81 -10.13 -17.33 25.14
N PHE C 82 -10.94 -16.92 24.16
CA PHE C 82 -12.35 -16.66 24.38
C PHE C 82 -13.21 -17.91 24.46
N ARG C 83 -12.71 -19.05 23.97
CA ARG C 83 -13.57 -20.22 23.77
C ARG C 83 -14.11 -20.76 25.09
N TYR C 84 -15.44 -20.90 25.16
CA TYR C 84 -16.19 -21.53 26.25
C TYR C 84 -16.15 -20.74 27.54
N LEU C 85 -15.73 -19.47 27.51
CA LEU C 85 -15.73 -18.68 28.74
C LEU C 85 -17.12 -18.52 29.35
N PRO C 86 -18.20 -18.33 28.59
CA PRO C 86 -19.53 -18.28 29.24
C PRO C 86 -19.87 -19.51 30.07
N PHE C 87 -19.39 -20.68 29.67
CA PHE C 87 -19.69 -21.89 30.44
C PHE C 87 -18.91 -21.94 31.75
N TYR C 88 -17.74 -21.30 31.79
CA TYR C 88 -16.91 -21.38 32.99
C TYR C 88 -17.52 -20.58 34.14
N ILE C 89 -18.05 -19.40 33.84
CA ILE C 89 -18.54 -18.53 34.90
C ILE C 89 -19.79 -19.11 35.55
N THR C 90 -20.54 -19.93 34.82
CA THR C 90 -21.74 -20.55 35.42
C THR C 90 -21.37 -21.51 36.54
N GLY C 91 -20.16 -22.08 36.50
CA GLY C 91 -19.71 -22.95 37.58
C GLY C 91 -19.49 -22.26 38.90
N MSE C 92 -19.64 -20.95 38.94
CA MSE C 92 -19.45 -20.19 40.16
C MSE C 92 -20.68 -20.32 41.06
O MSE C 92 -20.57 -20.21 42.27
CB MSE C 92 -19.19 -18.72 39.82
CG MSE C 92 -18.73 -17.87 40.97
SE MSE C 92 -18.03 -16.18 40.28
CE MSE C 92 -19.59 -15.06 40.47
N ALA C 93 -21.83 -20.57 40.43
CA ALA C 93 -23.09 -20.59 41.17
C ALA C 93 -23.12 -21.68 42.23
N VAL C 94 -22.34 -22.74 42.06
CA VAL C 94 -22.32 -23.80 43.06
C VAL C 94 -21.64 -23.34 44.34
N LYS C 95 -20.88 -22.24 44.29
CA LYS C 95 -20.13 -21.77 45.43
C LYS C 95 -20.90 -20.77 46.27
N THR C 96 -22.13 -20.44 45.89
CA THR C 96 -22.87 -19.42 46.60
C THR C 96 -24.35 -19.74 46.59
N ARG C 97 -25.05 -19.15 47.55
CA ARG C 97 -26.51 -19.11 47.58
C ARG C 97 -27.01 -17.67 47.56
N ASP C 98 -26.17 -16.76 47.09
CA ASP C 98 -26.48 -15.33 47.02
C ASP C 98 -27.12 -15.03 45.68
N GLU C 99 -28.36 -14.54 45.71
CA GLU C 99 -29.09 -14.30 44.46
C GLU C 99 -28.54 -13.11 43.70
N MSE C 100 -27.80 -12.20 44.34
CA MSE C 100 -27.21 -11.08 43.65
C MSE C 100 -25.98 -11.53 42.88
O MSE C 100 -25.74 -11.08 41.76
CB MSE C 100 -26.87 -9.95 44.63
CG MSE C 100 -28.07 -9.32 45.30
SE MSE C 100 -29.30 -8.49 44.06
CE MSE C 100 -30.63 -9.90 43.88
N ILE C 101 -25.20 -12.44 43.47
CA ILE C 101 -24.09 -13.05 42.76
C ILE C 101 -24.59 -13.87 41.59
N LEU C 102 -25.63 -14.69 41.82
CA LEU C 102 -26.25 -15.44 40.74
C LEU C 102 -26.75 -14.50 39.65
N ARG C 103 -27.31 -13.35 40.05
CA ARG C 103 -27.80 -12.38 39.09
C ARG C 103 -26.67 -11.87 38.21
N GLU C 104 -25.51 -11.60 38.80
CA GLU C 104 -24.36 -11.14 38.01
C GLU C 104 -23.90 -12.21 37.03
N ILE C 105 -23.86 -13.47 37.48
CA ILE C 105 -23.51 -14.58 36.59
C ILE C 105 -24.49 -14.64 35.42
N ILE C 106 -25.79 -14.66 35.73
CA ILE C 106 -26.81 -14.80 34.69
C ILE C 106 -26.75 -13.62 33.74
N LEU C 107 -26.55 -12.41 34.27
CA LEU C 107 -26.47 -11.23 33.43
C LEU C 107 -25.30 -11.31 32.47
N ASN C 108 -24.16 -11.83 32.95
CA ASN C 108 -22.98 -11.93 32.12
C ASN C 108 -23.17 -12.91 30.97
N VAL C 109 -23.73 -14.09 31.27
CA VAL C 109 -23.92 -15.10 30.24
C VAL C 109 -25.00 -14.68 29.27
N ALA C 110 -26.06 -14.03 29.77
CA ALA C 110 -27.15 -13.61 28.90
C ALA C 110 -26.65 -12.67 27.81
N ASP C 111 -25.63 -11.86 28.10
CA ASP C 111 -25.05 -11.02 27.07
C ASP C 111 -24.41 -11.84 25.96
N GLU C 112 -23.87 -13.00 26.29
CA GLU C 112 -23.12 -13.81 25.34
C GLU C 112 -24.02 -14.72 24.51
N VAL C 113 -25.04 -15.34 25.12
CA VAL C 113 -25.86 -16.34 24.46
C VAL C 113 -27.34 -16.01 24.48
N GLY C 114 -27.74 -14.87 25.07
CA GLY C 114 -29.15 -14.59 25.23
C GLY C 114 -29.91 -14.45 23.93
N SER C 115 -29.27 -13.93 22.89
CA SER C 115 -29.93 -13.67 21.62
C SER C 115 -29.11 -14.27 20.48
N ASP C 116 -29.70 -14.25 19.29
CA ASP C 116 -29.02 -14.74 18.09
C ASP C 116 -28.69 -13.58 17.16
N PRO C 117 -27.46 -13.55 16.60
CA PRO C 117 -26.38 -14.50 16.84
C PRO C 117 -25.67 -14.28 18.18
N THR C 118 -25.22 -15.37 18.79
CA THR C 118 -24.45 -15.28 20.03
C THR C 118 -23.07 -14.68 19.76
N HIS C 119 -22.39 -14.31 20.85
CA HIS C 119 -21.08 -13.68 20.73
C HIS C 119 -20.09 -14.61 20.03
N SER C 120 -20.09 -15.89 20.38
CA SER C 120 -19.18 -16.83 19.73
C SER C 120 -19.49 -16.96 18.24
N THR C 121 -20.77 -16.84 17.87
CA THR C 121 -21.13 -16.86 16.46
C THR C 121 -20.68 -15.59 15.75
N LEU C 122 -20.84 -14.43 16.40
CA LEU C 122 -20.36 -13.18 15.82
C LEU C 122 -18.84 -13.18 15.71
N PHE C 123 -18.16 -13.77 16.70
CA PHE C 123 -16.71 -13.81 16.67
C PHE C 123 -16.21 -14.71 15.56
N ALA C 124 -16.82 -15.89 15.40
CA ALA C 124 -16.42 -16.79 14.32
C ALA C 124 -16.66 -16.14 12.97
N ASP C 125 -17.68 -15.29 12.87
CA ASP C 125 -17.93 -14.57 11.63
C ASP C 125 -16.84 -13.52 11.39
N PHE C 126 -16.46 -12.79 12.43
CA PHE C 126 -15.35 -11.86 12.30
C PHE C 126 -14.08 -12.58 11.88
N LEU C 127 -13.81 -13.72 12.52
CA LEU C 127 -12.62 -14.48 12.19
C LEU C 127 -12.62 -14.91 10.72
N ALA C 128 -13.76 -15.38 10.23
CA ALA C 128 -13.84 -15.80 8.83
C ALA C 128 -13.65 -14.61 7.89
N ARG C 129 -14.18 -13.44 8.26
CA ARG C 129 -14.10 -12.27 7.41
C ARG C 129 -12.71 -11.64 7.37
N ILE C 130 -11.80 -12.04 8.25
CA ILE C 130 -10.41 -11.61 8.15
C ILE C 130 -9.50 -12.77 7.76
N GLY C 131 -10.05 -13.78 7.11
CA GLY C 131 -9.26 -14.86 6.56
C GLY C 131 -8.91 -15.99 7.51
N ILE C 132 -9.66 -16.17 8.58
CA ILE C 132 -9.40 -17.22 9.56
C ILE C 132 -10.63 -18.12 9.59
N ASP C 133 -10.55 -19.27 8.92
CA ASP C 133 -11.69 -20.17 8.78
C ASP C 133 -11.66 -21.26 9.84
N LYS C 134 -12.75 -22.04 9.88
CA LYS C 134 -12.88 -23.09 10.87
C LYS C 134 -11.77 -24.14 10.73
N GLU C 135 -11.40 -24.48 9.49
CA GLU C 135 -10.39 -25.50 9.28
C GLU C 135 -9.05 -25.09 9.87
N HIS C 136 -8.66 -23.82 9.70
CA HIS C 136 -7.40 -23.35 10.25
C HIS C 136 -7.45 -23.31 11.77
N LEU C 137 -8.59 -22.89 12.34
CA LEU C 137 -8.71 -22.81 13.78
C LEU C 137 -8.63 -24.19 14.41
N ASP C 138 -9.27 -25.18 13.79
CA ASP C 138 -9.24 -26.54 14.32
C ASP C 138 -7.81 -27.09 14.30
N GLY C 139 -7.04 -26.75 13.29
CA GLY C 139 -5.67 -27.19 13.20
C GLY C 139 -4.67 -26.27 13.84
N TYR C 140 -5.14 -25.19 14.45
CA TYR C 140 -4.25 -24.22 15.08
C TYR C 140 -3.86 -24.68 16.48
N GLN C 141 -2.57 -24.65 16.78
CA GLN C 141 -2.06 -24.98 18.11
C GLN C 141 -1.76 -23.69 18.85
N PRO C 142 -2.59 -23.25 19.80
CA PRO C 142 -2.34 -21.99 20.49
C PRO C 142 -1.13 -22.09 21.41
N LEU C 143 -0.67 -20.92 21.83
CA LEU C 143 0.44 -20.86 22.76
C LEU C 143 0.08 -21.52 24.07
N GLU C 144 1.11 -21.96 24.80
CA GLU C 144 0.87 -22.52 26.12
C GLU C 144 0.29 -21.48 27.07
N VAL C 145 0.68 -20.22 26.91
CA VAL C 145 0.10 -19.17 27.75
C VAL C 145 -1.37 -18.97 27.42
N THR C 146 -1.78 -19.26 26.18
CA THR C 146 -3.19 -19.15 25.84
C THR C 146 -4.02 -20.26 26.47
N ARG C 147 -3.51 -21.50 26.45
CA ARG C 147 -4.19 -22.59 27.13
C ARG C 147 -4.25 -22.35 28.63
N GLN C 148 -3.16 -21.85 29.21
CA GLN C 148 -3.13 -21.58 30.64
C GLN C 148 -4.10 -20.47 31.03
N LEU C 149 -4.29 -19.49 30.17
CA LEU C 149 -5.26 -18.44 30.46
C LEU C 149 -6.68 -18.99 30.43
N ASN C 150 -7.03 -19.74 29.39
CA ASN C 150 -8.38 -20.28 29.30
C ASN C 150 -8.64 -21.27 30.44
N ASP C 151 -7.71 -22.20 30.65
CA ASP C 151 -7.84 -23.15 31.75
C ASP C 151 -7.78 -22.44 33.09
N GLY C 152 -6.97 -21.38 33.19
CA GLY C 152 -6.88 -20.64 34.43
C GLY C 152 -8.17 -19.93 34.79
N ILE C 153 -8.86 -19.38 33.79
CA ILE C 153 -10.14 -18.73 34.04
C ILE C 153 -11.17 -19.76 34.51
N ARG C 154 -11.18 -20.94 33.89
CA ARG C 154 -12.08 -22.00 34.33
C ARG C 154 -11.77 -22.40 35.77
N HIS C 155 -10.48 -22.53 36.11
CA HIS C 155 -10.10 -22.84 37.48
C HIS C 155 -10.51 -21.72 38.44
N LEU C 156 -10.30 -20.46 38.04
CA LEU C 156 -10.62 -19.34 38.91
C LEU C 156 -12.12 -19.21 39.13
N TYR C 157 -12.93 -19.56 38.13
CA TYR C 157 -14.37 -19.41 38.27
C TYR C 157 -15.04 -20.60 38.93
N THR C 158 -14.43 -21.79 38.86
CA THR C 158 -15.09 -23.02 39.27
C THR C 158 -14.43 -23.76 40.41
N GLU C 159 -13.17 -23.44 40.78
CA GLU C 159 -12.46 -24.24 41.76
C GLU C 159 -11.86 -23.41 42.89
N THR C 160 -12.33 -22.18 43.10
CA THR C 160 -11.80 -21.36 44.18
C THR C 160 -12.94 -20.85 45.05
N SER C 161 -12.56 -20.27 46.18
CA SER C 161 -13.53 -19.69 47.10
C SER C 161 -14.33 -18.59 46.41
N ILE C 162 -15.53 -18.34 46.93
CA ILE C 162 -16.42 -17.36 46.31
C ILE C 162 -15.79 -15.97 46.34
N ASN C 163 -15.04 -15.65 47.38
CA ASN C 163 -14.38 -14.35 47.44
C ASN C 163 -13.30 -14.24 46.38
N LYS C 164 -12.51 -15.30 46.20
CA LYS C 164 -11.50 -15.31 45.15
C LYS C 164 -12.13 -15.29 43.78
N ALA C 165 -13.17 -16.13 43.56
CA ALA C 165 -13.84 -16.16 42.28
C ALA C 165 -14.44 -14.81 41.93
N LEU C 166 -14.93 -14.08 42.93
CA LEU C 166 -15.47 -12.75 42.69
C LEU C 166 -14.37 -11.77 42.31
N GLY C 167 -13.16 -11.98 42.82
CA GLY C 167 -12.05 -11.13 42.41
C GLY C 167 -11.71 -11.29 40.94
N ALA C 168 -11.63 -12.55 40.49
CA ALA C 168 -11.39 -12.80 39.07
C ALA C 168 -12.50 -12.19 38.22
N LEU C 169 -13.75 -12.34 38.66
CA LEU C 169 -14.87 -11.76 37.91
C LEU C 169 -14.79 -10.25 37.89
N TYR C 170 -14.40 -9.63 39.00
CA TYR C 170 -14.25 -8.19 39.05
C TYR C 170 -13.16 -7.72 38.10
N ALA C 171 -12.06 -8.46 38.04
CA ALA C 171 -11.01 -8.14 37.08
C ALA C 171 -11.48 -8.36 35.66
N ASP C 172 -12.16 -9.48 35.40
CA ASP C 172 -12.67 -9.78 34.07
C ASP C 172 -13.61 -8.69 33.57
N GLU C 173 -14.59 -8.32 34.40
CA GLU C 173 -15.60 -7.35 33.97
C GLU C 173 -15.00 -5.96 33.73
N THR C 174 -14.06 -5.55 34.59
CA THR C 174 -13.49 -4.22 34.45
C THR C 174 -12.60 -4.13 33.23
N MSE C 175 -11.80 -5.15 32.98
CA MSE C 175 -10.86 -5.17 31.88
C MSE C 175 -11.53 -5.33 30.52
O MSE C 175 -11.09 -4.71 29.55
CB MSE C 175 -9.86 -6.29 32.09
CG MSE C 175 -9.09 -6.67 30.83
SE MSE C 175 -8.21 -8.36 31.07
CE MSE C 175 -9.51 -9.48 30.15
N SER C 176 -12.58 -6.14 30.47
CA SER C 176 -13.17 -6.57 29.18
C SER C 176 -13.45 -5.39 28.27
N SER C 177 -14.08 -4.34 28.79
CA SER C 177 -14.43 -3.20 27.96
C SER C 177 -13.18 -2.48 27.46
N ILE C 178 -12.14 -2.40 28.30
CA ILE C 178 -10.91 -1.72 27.91
C ILE C 178 -10.20 -2.52 26.83
N MSE C 179 -9.96 -3.80 27.09
CA MSE C 179 -9.26 -4.66 26.16
C MSE C 179 -9.94 -4.74 24.81
O MSE C 179 -9.29 -4.70 23.77
CB MSE C 179 -9.14 -6.05 26.77
CG MSE C 179 -8.47 -7.05 25.88
SE MSE C 179 -8.70 -8.83 26.61
CE MSE C 179 -10.49 -9.18 25.91
N VAL C 180 -11.27 -4.84 24.83
CA VAL C 180 -12.02 -4.87 23.58
C VAL C 180 -11.94 -3.53 22.88
N SER C 181 -11.87 -2.43 23.64
CA SER C 181 -11.72 -1.12 23.02
C SER C 181 -10.36 -0.98 22.35
N LYS C 182 -9.32 -1.52 22.96
CA LYS C 182 -7.98 -1.44 22.38
C LYS C 182 -7.89 -2.27 21.10
N ILE C 183 -8.48 -3.47 21.11
CA ILE C 183 -8.48 -4.30 19.90
C ILE C 183 -9.27 -3.61 18.79
N ASN C 184 -10.40 -3.00 19.15
CA ASN C 184 -11.18 -2.24 18.18
C ASN C 184 -10.36 -1.10 17.59
N ASP C 185 -9.56 -0.42 18.41
CA ASP C 185 -8.68 0.63 17.92
C ASP C 185 -7.73 0.10 16.86
N GLY C 186 -7.09 -1.04 17.15
CA GLY C 186 -6.15 -1.61 16.21
C GLY C 186 -6.81 -2.02 14.90
N LEU C 187 -8.00 -2.63 14.99
CA LEU C 187 -8.70 -3.03 13.78
C LEU C 187 -9.15 -1.82 12.97
N ARG C 188 -9.56 -0.74 13.64
CA ARG C 188 -9.89 0.47 12.91
C ARG C 188 -8.65 1.08 12.27
N ASN C 189 -7.52 1.02 12.98
CA ASN C 189 -6.27 1.52 12.41
C ASN C 189 -5.86 0.71 11.20
N GLN C 190 -6.11 -0.61 11.23
CA GLN C 190 -5.82 -1.45 10.08
C GLN C 190 -6.66 -1.04 8.88
N GLY C 191 -7.84 -0.47 9.12
CA GLY C 191 -8.67 0.03 8.04
C GLY C 191 -10.02 -0.63 7.91
N TYR C 192 -10.38 -1.50 8.86
CA TYR C 192 -11.63 -2.23 8.78
C TYR C 192 -12.81 -1.34 9.16
N ASP C 193 -13.94 -1.55 8.49
CA ASP C 193 -15.13 -0.74 8.72
C ASP C 193 -15.98 -1.32 9.85
N ASP C 194 -17.04 -0.58 10.20
CA ASP C 194 -17.85 -0.93 11.36
C ASP C 194 -18.54 -2.27 11.18
N ASP C 195 -18.90 -2.62 9.94
CA ASP C 195 -19.54 -3.89 9.69
C ASP C 195 -18.65 -5.06 10.12
N LEU C 196 -17.39 -5.04 9.69
CA LEU C 196 -16.47 -6.11 10.08
C LEU C 196 -16.14 -6.06 11.56
N ARG C 197 -16.06 -4.88 12.15
CA ARG C 197 -15.70 -4.68 13.55
C ARG C 197 -16.88 -4.81 14.48
N HIS C 198 -18.03 -5.29 13.99
CA HIS C 198 -19.25 -5.32 14.78
C HIS C 198 -19.08 -6.07 16.09
N PHE C 199 -18.38 -7.21 16.07
CA PHE C 199 -18.22 -8.01 17.27
C PHE C 199 -17.53 -7.23 18.39
N TRP C 200 -16.58 -6.38 18.05
CA TRP C 200 -15.79 -5.68 19.06
C TRP C 200 -16.48 -4.43 19.58
N GLN C 201 -17.73 -4.20 19.21
CA GLN C 201 -18.48 -3.07 19.75
C GLN C 201 -19.71 -3.56 20.50
N HIS C 210 -24.76 -0.51 35.47
CA HIS C 210 -24.34 -1.86 35.87
C HIS C 210 -23.23 -1.81 36.91
N SER C 211 -22.42 -0.74 36.86
CA SER C 211 -21.35 -0.60 37.84
C SER C 211 -21.90 -0.49 39.25
N ASN C 212 -23.12 0.04 39.39
CA ASN C 212 -23.79 -0.03 40.69
C ASN C 212 -24.24 -1.44 41.01
N SER C 213 -24.64 -2.20 39.99
CA SER C 213 -25.05 -3.58 40.25
C SER C 213 -23.89 -4.44 40.70
N VAL C 214 -22.73 -4.26 40.09
CA VAL C 214 -21.58 -5.06 40.48
C VAL C 214 -21.08 -4.65 41.87
N PHE C 215 -21.16 -3.35 42.19
CA PHE C 215 -20.76 -2.93 43.53
C PHE C 215 -21.70 -3.49 44.58
N ASN C 216 -23.02 -3.43 44.32
CA ASN C 216 -23.99 -3.99 45.25
C ASN C 216 -23.72 -5.46 45.53
N ALA C 217 -23.36 -6.21 44.49
CA ALA C 217 -23.13 -7.64 44.65
C ALA C 217 -21.85 -7.92 45.42
N ILE C 218 -20.77 -7.19 45.11
CA ILE C 218 -19.45 -7.54 45.64
C ILE C 218 -19.21 -6.96 47.02
N ALA C 219 -19.85 -5.85 47.36
CA ALA C 219 -19.58 -5.13 48.61
C ALA C 219 -19.52 -6.01 49.85
N PRO C 220 -20.51 -6.90 50.12
CA PRO C 220 -20.41 -7.73 51.34
C PRO C 220 -19.22 -8.67 51.38
N TYR C 221 -18.54 -8.90 50.27
CA TYR C 221 -17.47 -9.88 50.22
C TYR C 221 -16.09 -9.26 50.35
N VAL C 222 -16.01 -7.94 50.56
CA VAL C 222 -14.72 -7.26 50.72
C VAL C 222 -14.77 -6.43 51.99
N GLY C 223 -15.36 -6.99 53.04
CA GLY C 223 -15.48 -6.28 54.31
C GLY C 223 -14.27 -6.50 55.19
N SER C 224 -13.96 -7.75 55.47
CA SER C 224 -12.84 -8.05 56.35
C SER C 224 -11.52 -8.06 55.58
N LYS C 225 -10.43 -7.96 56.33
CA LYS C 225 -9.10 -8.03 55.72
C LYS C 225 -8.81 -9.43 55.20
N ALA C 226 -9.41 -10.45 55.82
CA ALA C 226 -9.25 -11.81 55.32
C ALA C 226 -10.01 -12.01 54.02
N ALA C 227 -11.21 -11.45 53.92
CA ALA C 227 -11.98 -11.55 52.68
C ALA C 227 -11.32 -10.75 51.56
N ARG C 228 -10.75 -9.59 51.89
CA ARG C 228 -10.07 -8.77 50.89
C ARG C 228 -8.80 -9.45 50.39
N ALA C 229 -8.14 -10.22 51.23
CA ALA C 229 -6.96 -10.97 50.77
C ALA C 229 -7.33 -12.00 49.73
N GLU C 230 -8.44 -12.73 49.94
CA GLU C 230 -8.88 -13.71 48.95
C GLU C 230 -9.38 -13.03 47.69
N PHE C 231 -10.09 -11.92 47.84
CA PHE C 231 -10.58 -11.16 46.69
C PHE C 231 -9.44 -10.71 45.80
N GLU C 232 -8.41 -10.11 46.40
CA GLU C 232 -7.29 -9.59 45.62
C GLU C 232 -6.48 -10.72 45.00
N GLU C 233 -6.40 -11.88 45.66
CA GLU C 233 -5.74 -13.02 45.03
C GLU C 233 -6.40 -13.37 43.71
N GLY C 234 -7.73 -13.34 43.67
CA GLY C 234 -8.44 -13.64 42.43
C GLY C 234 -8.26 -12.55 41.39
N VAL C 235 -8.21 -11.29 41.82
CA VAL C 235 -8.04 -10.19 40.88
C VAL C 235 -6.71 -10.30 40.17
N PHE C 236 -5.63 -10.49 40.93
CA PHE C 236 -4.28 -10.43 40.37
C PHE C 236 -3.84 -11.76 39.77
N GLU C 237 -4.41 -12.89 40.21
CA GLU C 237 -4.14 -14.14 39.51
C GLU C 237 -4.77 -14.14 38.12
N PHE C 238 -5.97 -13.58 38.00
CA PHE C 238 -6.58 -13.42 36.68
C PHE C 238 -5.73 -12.51 35.81
N LEU C 239 -5.39 -11.32 36.32
CA LEU C 239 -4.64 -10.36 35.52
C LEU C 239 -3.24 -10.86 35.20
N GLY C 240 -2.64 -11.65 36.09
CA GLY C 240 -1.33 -12.22 35.79
C GLY C 240 -1.38 -13.17 34.63
N LEU C 241 -2.45 -13.96 34.51
CA LEU C 241 -2.61 -14.85 33.37
C LEU C 241 -2.75 -14.06 32.07
N VAL C 242 -3.52 -12.97 32.10
CA VAL C 242 -3.72 -12.16 30.92
C VAL C 242 -2.43 -11.48 30.50
N GLU C 243 -1.64 -11.01 31.48
CA GLU C 243 -0.38 -10.33 31.16
C GLU C 243 0.59 -11.29 30.48
N ARG C 244 0.76 -12.48 31.04
CA ARG C 244 1.64 -13.47 30.42
C ARG C 244 1.09 -13.92 29.07
N TYR C 245 -0.22 -13.88 28.89
CA TYR C 245 -0.81 -14.21 27.59
C TYR C 245 -0.41 -13.18 26.55
N TRP C 246 -0.62 -11.90 26.85
CA TRP C 246 -0.26 -10.86 25.90
C TRP C 246 1.25 -10.79 25.69
N ASP C 247 2.04 -11.16 26.70
CA ASP C 247 3.48 -11.25 26.49
C ASP C 247 3.81 -12.32 25.45
N GLY C 248 3.17 -13.48 25.55
CA GLY C 248 3.39 -14.54 24.58
C GLY C 248 2.86 -14.18 23.19
N VAL C 249 1.71 -13.51 23.14
CA VAL C 249 1.16 -13.07 21.85
C VAL C 249 2.08 -12.03 21.23
N ARG C 250 2.62 -11.13 22.05
CA ARG C 250 3.52 -10.10 21.54
C ARG C 250 4.75 -10.72 20.90
N GLU C 251 5.30 -11.77 21.51
CA GLU C 251 6.46 -12.43 20.93
C GLU C 251 6.11 -13.17 19.66
N LEU C 252 4.91 -13.77 19.60
CA LEU C 252 4.50 -14.51 18.41
C LEU C 252 4.21 -13.58 17.26
N VAL C 253 3.59 -12.43 17.53
CA VAL C 253 3.24 -11.50 16.47
C VAL C 253 4.47 -10.70 16.02
N GLY C 254 5.32 -10.33 16.97
CA GLY C 254 6.55 -9.63 16.65
C GLY C 254 6.35 -8.17 16.29
N ARG D 26 21.45 13.99 4.41
CA ARG D 26 20.10 13.78 4.92
C ARG D 26 19.80 12.29 5.15
N ARG D 27 20.30 11.43 4.27
CA ARG D 27 20.09 10.00 4.44
C ARG D 27 20.77 9.49 5.70
N ARG D 28 21.87 10.11 6.09
CA ARG D 28 22.61 9.68 7.26
C ARG D 28 21.88 10.09 8.54
N ILE D 29 21.05 11.13 8.46
CA ILE D 29 20.16 11.47 9.57
C ILE D 29 18.93 10.57 9.56
N ALA D 30 18.37 10.31 8.37
CA ALA D 30 17.14 9.53 8.26
C ALA D 30 17.34 8.11 8.76
N VAL D 31 18.46 7.49 8.40
CA VAL D 31 18.71 6.12 8.81
C VAL D 31 18.88 6.03 10.32
N ALA D 32 19.17 7.14 10.98
CA ALA D 32 19.32 7.17 12.43
C ALA D 32 18.01 7.48 13.16
N ASP D 33 16.99 7.93 12.45
CA ASP D 33 15.71 8.28 13.04
C ASP D 33 14.88 7.02 13.31
N PRO D 34 14.64 6.67 14.58
CA PRO D 34 13.82 5.49 14.87
C PRO D 34 12.40 5.60 14.34
N GLU D 35 11.88 6.82 14.20
CA GLU D 35 10.53 6.99 13.68
C GLU D 35 10.43 6.59 12.22
N ILE D 36 11.47 6.83 11.43
CA ILE D 36 11.44 6.46 10.01
C ILE D 36 11.40 4.95 9.87
N LYS D 37 12.18 4.23 10.68
CA LYS D 37 12.08 2.78 10.69
C LYS D 37 10.68 2.34 11.08
N GLU D 38 10.08 3.00 12.06
CA GLU D 38 8.73 2.65 12.48
C GLU D 38 7.72 2.93 11.37
N TYR D 39 7.88 4.04 10.66
CA TYR D 39 6.96 4.36 9.57
C TYR D 39 7.03 3.33 8.45
N LEU D 40 8.24 3.03 7.99
CA LEU D 40 8.39 2.10 6.88
C LEU D 40 8.01 0.68 7.27
N ASP D 41 8.18 0.31 8.54
CA ASP D 41 7.71 -0.99 8.99
C ASP D 41 6.19 -1.07 8.95
N GLY D 42 5.51 0.03 9.28
CA GLY D 42 4.07 0.08 9.14
C GLY D 42 3.59 -0.01 7.71
N MSE D 43 4.35 0.56 6.78
CA MSE D 43 3.96 0.54 5.38
C MSE D 43 4.17 -0.83 4.77
O MSE D 43 3.44 -1.23 3.88
CB MSE D 43 4.73 1.60 4.60
CG MSE D 43 4.30 3.04 4.90
SE MSE D 43 2.43 3.42 4.51
CE MSE D 43 2.25 2.39 2.87
N LEU D 44 5.18 -1.55 5.28
CA LEU D 44 5.35 -2.95 4.89
C LEU D 44 4.11 -3.77 5.22
N ALA D 45 3.59 -3.60 6.45
CA ALA D 45 2.41 -4.32 6.88
C ALA D 45 1.16 -3.87 6.12
N ARG D 46 1.03 -2.56 5.88
CA ARG D 46 -0.11 -2.07 5.11
C ARG D 46 -0.09 -2.59 3.69
N ILE D 47 1.10 -2.76 3.11
CA ILE D 47 1.20 -3.28 1.74
C ILE D 47 0.83 -4.76 1.72
N ALA D 48 1.43 -5.56 2.61
CA ALA D 48 1.19 -6.99 2.61
C ALA D 48 -0.26 -7.33 2.88
N SER D 49 -0.96 -6.51 3.66
CA SER D 49 -2.35 -6.74 4.00
C SER D 49 -3.31 -6.08 3.01
N HIS D 50 -2.80 -5.32 2.05
CA HIS D 50 -3.64 -4.69 1.03
C HIS D 50 -4.35 -5.73 0.19
N ARG D 51 -5.58 -5.42 -0.21
CA ARG D 51 -6.39 -6.37 -0.97
C ARG D 51 -5.77 -6.67 -2.33
N GLY D 52 -4.98 -5.75 -2.87
CA GLY D 52 -4.26 -6.05 -4.11
C GLY D 52 -3.22 -7.13 -3.95
N VAL D 53 -2.71 -7.33 -2.74
CA VAL D 53 -1.72 -8.37 -2.46
C VAL D 53 -2.44 -9.57 -1.86
N GLU D 54 -3.15 -9.36 -0.76
CA GLU D 54 -3.95 -10.41 -0.15
C GLU D 54 -5.32 -10.45 -0.85
N HIS D 55 -5.28 -10.89 -2.10
CA HIS D 55 -6.46 -10.89 -2.96
C HIS D 55 -7.21 -12.23 -2.85
N PRO D 56 -8.54 -12.16 -2.79
CA PRO D 56 -9.34 -13.40 -2.73
C PRO D 56 -9.07 -14.36 -3.87
N PHE D 57 -8.93 -13.87 -5.09
CA PHE D 57 -8.67 -14.76 -6.22
C PHE D 57 -7.36 -15.50 -6.06
N LEU D 58 -6.31 -14.79 -5.64
CA LEU D 58 -5.01 -15.44 -5.44
C LEU D 58 -5.08 -16.47 -4.33
N ASN D 59 -5.76 -16.14 -3.23
CA ASN D 59 -5.90 -17.13 -2.17
C ASN D 59 -6.79 -18.28 -2.60
N ALA D 60 -7.80 -18.01 -3.44
CA ALA D 60 -8.60 -19.10 -3.99
C ALA D 60 -7.76 -19.99 -4.89
N TYR D 61 -6.94 -19.39 -5.74
CA TYR D 61 -6.12 -20.16 -6.66
C TYR D 61 -5.16 -21.08 -5.92
N ARG D 62 -4.72 -20.71 -4.71
CA ARG D 62 -3.80 -21.54 -3.95
C ARG D 62 -4.37 -22.91 -3.65
N THR D 63 -5.69 -23.05 -3.63
CA THR D 63 -6.33 -24.31 -3.30
C THR D 63 -7.32 -24.79 -4.35
N THR D 64 -7.49 -24.06 -5.45
CA THR D 64 -8.48 -24.39 -6.47
C THR D 64 -7.75 -24.61 -7.80
N ALA D 65 -7.74 -25.85 -8.27
CA ALA D 65 -7.15 -26.13 -9.57
C ALA D 65 -8.00 -25.54 -10.69
N LEU D 66 -7.37 -25.29 -11.83
CA LEU D 66 -8.02 -24.67 -12.96
C LEU D 66 -8.06 -25.64 -14.14
N ASP D 67 -9.04 -25.46 -15.00
CA ASP D 67 -9.11 -26.22 -16.24
C ASP D 67 -8.22 -25.55 -17.28
N PRO D 68 -7.93 -26.22 -18.40
CA PRO D 68 -6.99 -25.64 -19.38
C PRO D 68 -7.30 -24.22 -19.83
N GLU D 69 -8.56 -23.89 -20.11
CA GLU D 69 -8.88 -22.55 -20.58
C GLU D 69 -8.76 -21.52 -19.45
N GLN D 70 -9.13 -21.90 -18.23
CA GLN D 70 -8.94 -21.00 -17.10
C GLN D 70 -7.48 -20.68 -16.88
N GLU D 71 -6.62 -21.71 -16.93
CA GLU D 71 -5.19 -21.52 -16.73
C GLU D 71 -4.58 -20.72 -17.88
N ARG D 72 -5.08 -20.92 -19.09
CA ARG D 72 -4.59 -20.16 -20.23
CA ARG D 72 -4.58 -20.16 -20.23
C ARG D 72 -4.89 -18.67 -20.07
N HIS D 73 -6.06 -18.35 -19.53
CA HIS D 73 -6.42 -16.95 -19.33
C HIS D 73 -5.58 -16.31 -18.23
N LEU D 74 -5.39 -17.01 -17.12
CA LEU D 74 -4.67 -16.45 -15.98
C LEU D 74 -3.27 -16.02 -16.37
N PHE D 75 -2.52 -16.91 -17.02
CA PHE D 75 -1.11 -16.64 -17.29
C PHE D 75 -0.88 -15.87 -18.58
N SER D 76 -1.87 -15.80 -19.48
CA SER D 76 -1.77 -14.87 -20.59
C SER D 76 -1.93 -13.44 -20.10
N GLU D 77 -2.82 -13.21 -19.13
CA GLU D 77 -2.91 -11.89 -18.53
C GLU D 77 -1.63 -11.55 -17.76
N CYS D 78 -1.04 -12.55 -17.09
CA CYS D 78 0.21 -12.33 -16.37
C CYS D 78 1.32 -11.93 -17.34
N TYR D 79 1.32 -12.51 -18.54
CA TYR D 79 2.33 -12.17 -19.53
C TYR D 79 2.26 -10.69 -19.90
N TYR D 80 1.06 -10.19 -20.17
CA TYR D 80 0.92 -8.79 -20.53
C TYR D 80 1.06 -7.87 -19.32
N PHE D 81 0.85 -8.39 -18.12
CA PHE D 81 1.19 -7.66 -16.91
C PHE D 81 2.71 -7.50 -16.80
N PHE D 82 3.44 -8.60 -16.96
CA PHE D 82 4.88 -8.61 -16.71
C PHE D 82 5.70 -7.97 -17.82
N ARG D 83 5.15 -7.81 -19.02
CA ARG D 83 5.96 -7.49 -20.18
C ARG D 83 6.63 -6.12 -20.06
N TYR D 84 7.96 -6.11 -20.25
CA TYR D 84 8.78 -4.91 -20.35
C TYR D 84 8.89 -4.13 -19.05
N LEU D 85 8.51 -4.73 -17.92
CA LEU D 85 8.65 -4.05 -16.65
C LEU D 85 10.09 -3.68 -16.31
N PRO D 86 11.12 -4.50 -16.60
CA PRO D 86 12.50 -4.04 -16.34
C PRO D 86 12.85 -2.73 -17.02
N PHE D 87 12.30 -2.47 -18.21
CA PHE D 87 12.61 -1.22 -18.89
C PHE D 87 11.94 -0.03 -18.23
N TYR D 88 10.79 -0.26 -17.58
CA TYR D 88 10.05 0.86 -16.99
C TYR D 88 10.76 1.41 -15.76
N ILE D 89 11.31 0.52 -14.93
CA ILE D 89 11.93 0.98 -13.70
C ILE D 89 13.20 1.74 -13.99
N THR D 90 13.87 1.44 -15.11
CA THR D 90 15.08 2.16 -15.47
C THR D 90 14.79 3.62 -15.80
N GLY D 91 13.56 3.94 -16.21
CA GLY D 91 13.19 5.32 -16.48
C GLY D 91 13.13 6.19 -15.25
N MSE D 92 13.29 5.62 -14.06
CA MSE D 92 13.31 6.37 -12.82
C MSE D 92 14.62 7.12 -12.66
O MSE D 92 14.68 8.16 -12.00
CB MSE D 92 13.08 5.42 -11.64
CG MSE D 92 12.24 5.98 -10.51
SE MSE D 92 12.26 4.76 -8.98
CE MSE D 92 11.71 3.15 -9.90
N ALA D 93 15.69 6.59 -13.27
CA ALA D 93 17.04 7.07 -12.99
C ALA D 93 17.25 8.51 -13.46
N VAL D 94 16.54 8.95 -14.49
CA VAL D 94 16.70 10.32 -14.96
C VAL D 94 16.11 11.33 -13.99
N LYS D 95 15.27 10.89 -13.07
CA LYS D 95 14.59 11.79 -12.14
C LYS D 95 15.35 12.02 -10.84
N THR D 96 16.54 11.42 -10.70
CA THR D 96 17.28 11.50 -9.46
C THR D 96 18.76 11.59 -9.76
N ARG D 97 19.51 12.11 -8.80
CA ARG D 97 20.97 12.06 -8.82
C ARG D 97 21.51 11.34 -7.60
N ASP D 98 20.66 10.54 -6.95
CA ASP D 98 21.02 9.79 -5.75
C ASP D 98 21.55 8.42 -6.16
N GLU D 99 22.81 8.13 -5.80
CA GLU D 99 23.44 6.89 -6.21
C GLU D 99 22.86 5.68 -5.49
N MSE D 100 22.30 5.86 -4.29
CA MSE D 100 21.68 4.74 -3.59
C MSE D 100 20.36 4.36 -4.26
O MSE D 100 19.97 3.19 -4.26
CB MSE D 100 21.44 5.09 -2.12
CG MSE D 100 22.67 5.02 -1.22
SE MSE D 100 23.92 3.60 -1.68
CE MSE D 100 23.79 2.50 -0.09
N ILE D 101 19.68 5.35 -4.84
CA ILE D 101 18.46 5.08 -5.59
C ILE D 101 18.80 4.36 -6.90
N LEU D 102 19.81 4.86 -7.61
CA LEU D 102 20.25 4.19 -8.84
C LEU D 102 20.70 2.77 -8.57
N ARG D 103 21.38 2.53 -7.44
CA ARG D 103 21.83 1.18 -7.12
C ARG D 103 20.65 0.22 -6.96
N GLU D 104 19.60 0.66 -6.28
CA GLU D 104 18.42 -0.20 -6.12
C GLU D 104 17.76 -0.49 -7.45
N ILE D 105 17.61 0.54 -8.30
CA ILE D 105 17.04 0.35 -9.63
C ILE D 105 17.87 -0.64 -10.44
N ILE D 106 19.18 -0.39 -10.50
CA ILE D 106 20.07 -1.23 -11.30
C ILE D 106 20.10 -2.65 -10.77
N LEU D 107 20.11 -2.80 -9.45
CA LEU D 107 20.15 -4.14 -8.87
C LEU D 107 18.93 -4.94 -9.25
N ASN D 108 17.76 -4.30 -9.28
CA ASN D 108 16.54 -5.00 -9.66
C ASN D 108 16.57 -5.41 -11.12
N VAL D 109 17.02 -4.53 -12.01
CA VAL D 109 17.07 -4.87 -13.43
C VAL D 109 18.15 -5.90 -13.69
N ALA D 110 19.28 -5.79 -13.00
CA ALA D 110 20.34 -6.77 -13.17
C ALA D 110 19.89 -8.17 -12.77
N ASP D 111 18.99 -8.26 -11.79
CA ASP D 111 18.42 -9.54 -11.41
C ASP D 111 17.60 -10.13 -12.55
N GLU D 112 16.94 -9.29 -13.34
CA GLU D 112 16.03 -9.77 -14.37
C GLU D 112 16.73 -10.07 -15.69
N VAL D 113 17.69 -9.25 -16.10
CA VAL D 113 18.33 -9.39 -17.42
C VAL D 113 19.84 -9.51 -17.33
N GLY D 114 20.42 -9.48 -16.13
CA GLY D 114 21.87 -9.45 -16.03
C GLY D 114 22.53 -10.71 -16.57
N SER D 115 21.90 -11.86 -16.40
CA SER D 115 22.48 -13.13 -16.81
C SER D 115 21.48 -13.93 -17.64
N ASP D 116 21.96 -15.04 -18.19
CA ASP D 116 21.14 -15.94 -18.97
C ASP D 116 20.89 -17.23 -18.19
N PRO D 117 19.66 -17.75 -18.19
CA PRO D 117 18.51 -17.15 -18.88
C PRO D 117 17.94 -15.94 -18.14
N THR D 118 17.46 -14.96 -18.89
CA THR D 118 16.80 -13.83 -18.26
C THR D 118 15.45 -14.27 -17.70
N HIS D 119 14.88 -13.43 -16.84
CA HIS D 119 13.60 -13.77 -16.23
C HIS D 119 12.49 -13.90 -17.26
N SER D 120 12.44 -12.99 -18.24
CA SER D 120 11.43 -13.09 -19.29
C SER D 120 11.61 -14.34 -20.12
N THR D 121 12.85 -14.81 -20.30
CA THR D 121 13.08 -16.07 -21.00
C THR D 121 12.59 -17.24 -20.18
N LEU D 122 12.82 -17.20 -18.86
CA LEU D 122 12.30 -18.25 -17.98
C LEU D 122 10.78 -18.26 -17.96
N PHE D 123 10.16 -17.08 -18.03
CA PHE D 123 8.70 -17.01 -18.02
C PHE D 123 8.10 -17.58 -19.30
N ALA D 124 8.67 -17.24 -20.46
CA ALA D 124 8.17 -17.77 -21.71
C ALA D 124 8.32 -19.29 -21.78
N ASP D 125 9.35 -19.82 -21.13
CA ASP D 125 9.54 -21.27 -21.08
C ASP D 125 8.48 -21.93 -20.22
N PHE D 126 8.16 -21.32 -19.07
CA PHE D 126 7.08 -21.84 -18.22
C PHE D 126 5.76 -21.84 -18.96
N LEU D 127 5.44 -20.74 -19.65
CA LEU D 127 4.20 -20.66 -20.40
C LEU D 127 4.11 -21.75 -21.45
N ALA D 128 5.22 -21.99 -22.16
CA ALA D 128 5.23 -23.04 -23.18
C ALA D 128 5.02 -24.41 -22.54
N ARG D 129 5.58 -24.63 -21.36
CA ARG D 129 5.45 -25.91 -20.69
C ARG D 129 4.06 -26.13 -20.10
N ILE D 130 3.22 -25.11 -20.02
CA ILE D 130 1.83 -25.28 -19.62
C ILE D 130 0.88 -25.01 -20.80
N GLY D 131 1.39 -25.11 -22.02
CA GLY D 131 0.56 -25.03 -23.21
C GLY D 131 0.24 -23.65 -23.73
N ILE D 132 1.04 -22.64 -23.39
CA ILE D 132 0.82 -21.27 -23.86
C ILE D 132 2.08 -20.86 -24.60
N ASP D 133 2.05 -20.93 -25.93
CA ASP D 133 3.20 -20.64 -26.76
C ASP D 133 3.19 -19.19 -27.25
N LYS D 134 4.29 -18.79 -27.87
CA LYS D 134 4.43 -17.41 -28.36
C LYS D 134 3.33 -17.08 -29.36
N GLU D 135 2.98 -18.03 -30.22
CA GLU D 135 1.97 -17.77 -31.26
C GLU D 135 0.64 -17.39 -30.64
N HIS D 136 0.23 -18.10 -29.57
CA HIS D 136 -1.03 -17.78 -28.91
C HIS D 136 -0.95 -16.44 -28.19
N LEU D 137 0.19 -16.13 -27.57
CA LEU D 137 0.31 -14.87 -26.85
C LEU D 137 0.21 -13.67 -27.79
N ASP D 138 0.81 -13.79 -28.98
CA ASP D 138 0.79 -12.68 -29.93
C ASP D 138 -0.65 -12.35 -30.36
N GLY D 139 -1.50 -13.36 -30.48
CA GLY D 139 -2.88 -13.12 -30.84
C GLY D 139 -3.82 -12.92 -29.68
N TYR D 140 -3.30 -12.93 -28.45
CA TYR D 140 -4.14 -12.78 -27.27
C TYR D 140 -4.39 -11.31 -26.97
N GLN D 141 -5.65 -10.95 -26.72
CA GLN D 141 -6.01 -9.59 -26.36
C GLN D 141 -6.23 -9.53 -24.85
N PRO D 142 -5.29 -8.97 -24.08
CA PRO D 142 -5.45 -8.93 -22.62
C PRO D 142 -6.54 -7.96 -22.21
N LEU D 143 -6.97 -8.10 -20.95
CA LEU D 143 -7.96 -7.21 -20.39
C LEU D 143 -7.45 -5.78 -20.36
N GLU D 144 -8.39 -4.83 -20.37
CA GLU D 144 -8.00 -3.43 -20.28
C GLU D 144 -7.37 -3.12 -18.93
N VAL D 145 -7.81 -3.79 -17.86
CA VAL D 145 -7.17 -3.58 -16.56
C VAL D 145 -5.74 -4.09 -16.57
N THR D 146 -5.45 -5.07 -17.43
CA THR D 146 -4.07 -5.53 -17.59
C THR D 146 -3.24 -4.49 -18.31
N ARG D 147 -3.78 -3.91 -19.39
CA ARG D 147 -3.09 -2.82 -20.08
C ARG D 147 -2.93 -1.62 -19.15
N GLN D 148 -3.96 -1.31 -18.36
CA GLN D 148 -3.86 -0.19 -17.43
C GLN D 148 -2.84 -0.46 -16.34
N LEU D 149 -2.69 -1.72 -15.92
CA LEU D 149 -1.68 -2.04 -14.92
C LEU D 149 -0.28 -1.89 -15.49
N ASN D 150 -0.04 -2.46 -16.68
CA ASN D 150 1.29 -2.37 -17.27
C ASN D 150 1.65 -0.92 -17.59
N ASP D 151 0.75 -0.19 -18.24
CA ASP D 151 0.99 1.22 -18.51
C ASP D 151 1.04 2.03 -17.22
N GLY D 152 0.23 1.65 -16.22
CA GLY D 152 0.22 2.38 -14.97
C GLY D 152 1.54 2.28 -14.23
N ILE D 153 2.18 1.10 -14.29
CA ILE D 153 3.49 0.93 -13.67
C ILE D 153 4.53 1.78 -14.39
N ARG D 154 4.48 1.80 -15.73
CA ARG D 154 5.42 2.64 -16.47
C ARG D 154 5.25 4.11 -16.12
N HIS D 155 3.99 4.56 -16.01
CA HIS D 155 3.75 5.95 -15.64
C HIS D 155 4.29 6.26 -14.25
N LEU D 156 4.10 5.35 -13.29
CA LEU D 156 4.52 5.60 -11.92
C LEU D 156 6.04 5.68 -11.79
N TYR D 157 6.78 4.92 -12.60
CA TYR D 157 8.23 4.90 -12.48
C TYR D 157 8.90 6.01 -13.25
N THR D 158 8.28 6.52 -14.31
CA THR D 158 8.95 7.41 -15.24
C THR D 158 8.34 8.81 -15.33
N GLU D 159 7.11 9.01 -14.86
CA GLU D 159 6.45 10.29 -15.07
C GLU D 159 5.89 10.88 -13.78
N THR D 160 6.37 10.42 -12.62
CA THR D 160 5.94 10.93 -11.34
C THR D 160 7.15 11.39 -10.54
N SER D 161 6.90 12.09 -9.45
CA SER D 161 7.97 12.57 -8.59
C SER D 161 8.76 11.40 -8.01
N ILE D 162 10.00 11.69 -7.63
CA ILE D 162 10.89 10.64 -7.13
C ILE D 162 10.34 10.02 -5.84
N ASN D 163 9.68 10.82 -5.01
CA ASN D 163 9.07 10.26 -3.81
C ASN D 163 7.89 9.36 -4.15
N LYS D 164 7.07 9.79 -5.11
CA LYS D 164 5.96 8.96 -5.55
C LYS D 164 6.44 7.70 -6.25
N ALA D 165 7.42 7.83 -7.14
CA ALA D 165 7.97 6.66 -7.81
C ALA D 165 8.61 5.70 -6.83
N LEU D 166 9.23 6.21 -5.76
CA LEU D 166 9.80 5.34 -4.75
C LEU D 166 8.73 4.60 -3.95
N GLY D 167 7.58 5.24 -3.77
CA GLY D 167 6.48 4.54 -3.14
C GLY D 167 6.00 3.36 -3.98
N ALA D 168 5.82 3.59 -5.29
CA ALA D 168 5.48 2.50 -6.18
C ALA D 168 6.54 1.41 -6.17
N LEU D 169 7.82 1.80 -6.17
CA LEU D 169 8.90 0.82 -6.12
C LEU D 169 8.90 0.04 -4.82
N TYR D 170 8.62 0.71 -3.70
CA TYR D 170 8.53 0.03 -2.41
C TYR D 170 7.38 -0.97 -2.39
N ALA D 171 6.24 -0.58 -2.97
CA ALA D 171 5.11 -1.50 -3.06
C ALA D 171 5.44 -2.69 -3.97
N ASP D 172 6.05 -2.41 -5.12
CA ASP D 172 6.43 -3.46 -6.06
C ASP D 172 7.37 -4.47 -5.40
N GLU D 173 8.40 -3.98 -4.71
CA GLU D 173 9.38 -4.88 -4.11
C GLU D 173 8.76 -5.71 -3.00
N THR D 174 7.88 -5.10 -2.18
CA THR D 174 7.29 -5.82 -1.08
C THR D 174 6.27 -6.86 -1.57
N MSE D 175 5.46 -6.48 -2.54
CA MSE D 175 4.39 -7.35 -3.05
C MSE D 175 4.89 -8.56 -3.83
O MSE D 175 4.42 -9.67 -3.63
CB MSE D 175 3.43 -6.56 -3.93
CG MSE D 175 2.32 -7.42 -4.53
SE MSE D 175 1.82 -6.91 -6.33
CE MSE D 175 3.27 -7.75 -7.30
N SER D 176 5.85 -8.31 -4.72
CA SER D 176 6.24 -9.30 -5.73
C SER D 176 6.52 -10.66 -5.12
N SER D 177 7.29 -10.70 -4.03
CA SER D 177 7.66 -11.98 -3.42
C SER D 177 6.42 -12.70 -2.87
N ILE D 178 5.47 -11.95 -2.31
CA ILE D 178 4.26 -12.57 -1.78
C ILE D 178 3.44 -13.15 -2.90
N MSE D 179 3.20 -12.35 -3.95
N MSE D 179 3.21 -12.36 -3.95
CA MSE D 179 2.39 -12.73 -5.09
CA MSE D 179 2.36 -12.78 -5.05
C MSE D 179 2.88 -13.99 -5.79
C MSE D 179 2.88 -14.00 -5.78
O MSE D 179 2.10 -14.87 -6.11
O MSE D 179 2.12 -14.90 -6.12
CB MSE D 179 2.37 -11.57 -6.08
CB MSE D 179 2.16 -11.63 -6.03
CG MSE D 179 1.17 -11.56 -7.02
CG MSE D 179 1.19 -11.98 -7.13
SE MSE D 179 1.54 -10.54 -8.62
SE MSE D 179 2.12 -12.31 -8.78
CE MSE D 179 2.56 -11.88 -9.60
CE MSE D 179 2.10 -10.49 -9.47
N VAL D 180 4.19 -14.04 -6.04
CA VAL D 180 4.75 -15.21 -6.73
C VAL D 180 4.66 -16.44 -5.85
N SER D 181 4.73 -16.27 -4.52
CA SER D 181 4.55 -17.41 -3.64
C SER D 181 3.13 -17.95 -3.71
N LYS D 182 2.14 -17.06 -3.84
CA LYS D 182 0.75 -17.51 -3.94
C LYS D 182 0.52 -18.24 -5.27
N ILE D 183 1.05 -17.70 -6.37
CA ILE D 183 0.94 -18.39 -7.66
C ILE D 183 1.71 -19.69 -7.63
N ASN D 184 2.88 -19.71 -6.99
CA ASN D 184 3.61 -20.95 -6.80
C ASN D 184 2.78 -21.97 -6.04
N ASP D 185 2.05 -21.52 -5.01
CA ASP D 185 1.17 -22.41 -4.27
C ASP D 185 0.08 -23.00 -5.17
N GLY D 186 -0.55 -22.14 -5.98
CA GLY D 186 -1.60 -22.61 -6.86
C GLY D 186 -1.10 -23.59 -7.89
N LEU D 187 0.07 -23.30 -8.47
CA LEU D 187 0.66 -24.21 -9.44
C LEU D 187 1.07 -25.52 -8.80
N ARG D 188 1.52 -25.48 -7.55
CA ARG D 188 1.83 -26.70 -6.83
C ARG D 188 0.56 -27.49 -6.53
N ASN D 189 -0.53 -26.79 -6.19
CA ASN D 189 -1.81 -27.46 -5.99
C ASN D 189 -2.33 -28.06 -7.29
N GLN D 190 -2.09 -27.38 -8.41
CA GLN D 190 -2.48 -27.92 -9.71
C GLN D 190 -1.76 -29.22 -10.01
N GLY D 191 -0.58 -29.41 -9.43
CA GLY D 191 0.13 -30.67 -9.57
C GLY D 191 1.48 -30.55 -10.25
N TYR D 192 1.91 -29.34 -10.53
CA TYR D 192 3.20 -29.12 -11.19
C TYR D 192 4.34 -29.30 -10.21
N ASP D 193 5.46 -29.82 -10.70
CA ASP D 193 6.60 -30.09 -9.85
C ASP D 193 7.46 -28.84 -9.68
N ASP D 194 8.47 -28.95 -8.82
CA ASP D 194 9.27 -27.78 -8.48
C ASP D 194 10.03 -27.24 -9.68
N ASP D 195 10.47 -28.13 -10.57
CA ASP D 195 11.18 -27.70 -11.77
C ASP D 195 10.31 -26.81 -12.64
N LEU D 196 9.07 -27.22 -12.91
CA LEU D 196 8.19 -26.42 -13.73
C LEU D 196 7.88 -25.09 -13.07
N ARG D 197 7.78 -25.07 -11.74
CA ARG D 197 7.48 -23.88 -10.98
C ARG D 197 8.73 -23.06 -10.67
N HIS D 198 9.88 -23.38 -11.27
CA HIS D 198 11.14 -22.75 -10.92
C HIS D 198 11.07 -21.23 -11.04
N PHE D 199 10.43 -20.72 -12.10
CA PHE D 199 10.35 -19.29 -12.30
C PHE D 199 9.70 -18.59 -11.11
N TRP D 200 8.71 -19.23 -10.49
CA TRP D 200 8.01 -18.64 -9.37
C TRP D 200 8.68 -18.94 -8.03
N GLN D 201 9.81 -19.63 -8.03
CA GLN D 201 10.56 -19.92 -6.81
C GLN D 201 11.98 -19.37 -6.89
N LEU D 202 12.11 -18.13 -7.37
CA LEU D 202 13.42 -17.51 -7.50
C LEU D 202 13.73 -16.65 -6.28
N HIS D 210 19.20 -6.97 1.32
CA HIS D 210 18.55 -6.04 0.41
C HIS D 210 17.45 -5.25 1.11
N SER D 211 16.84 -5.85 2.13
CA SER D 211 15.88 -5.12 2.94
C SER D 211 16.53 -3.93 3.62
N ASN D 212 17.74 -4.12 4.15
CA ASN D 212 18.49 -3.01 4.72
C ASN D 212 18.94 -2.04 3.63
N SER D 213 19.29 -2.56 2.46
CA SER D 213 19.68 -1.69 1.35
C SER D 213 18.49 -0.87 0.86
N VAL D 214 17.31 -1.48 0.79
CA VAL D 214 16.12 -0.76 0.36
C VAL D 214 15.70 0.26 1.43
N PHE D 215 15.85 -0.11 2.70
CA PHE D 215 15.55 0.83 3.77
C PHE D 215 16.54 1.99 3.76
N ASN D 216 17.82 1.69 3.59
CA ASN D 216 18.85 2.72 3.53
C ASN D 216 18.57 3.73 2.43
N ALA D 217 18.14 3.25 1.26
CA ALA D 217 17.90 4.13 0.12
C ALA D 217 16.66 5.00 0.34
N ILE D 218 15.59 4.44 0.88
CA ILE D 218 14.32 5.14 0.90
C ILE D 218 14.19 6.09 2.09
N ALA D 219 14.88 5.80 3.19
CA ALA D 219 14.72 6.57 4.44
C ALA D 219 14.73 8.08 4.26
N PRO D 220 15.70 8.69 3.56
CA PRO D 220 15.66 10.16 3.41
C PRO D 220 14.45 10.69 2.66
N TYR D 221 13.68 9.84 1.99
CA TYR D 221 12.59 10.29 1.15
C TYR D 221 11.23 10.19 1.84
N VAL D 222 11.18 9.79 3.11
CA VAL D 222 9.92 9.71 3.84
C VAL D 222 10.03 10.45 5.16
N GLY D 223 10.70 11.60 5.13
CA GLY D 223 10.89 12.36 6.35
C GLY D 223 9.76 13.33 6.65
N SER D 224 9.48 14.23 5.73
CA SER D 224 8.41 15.19 5.95
C SER D 224 7.06 14.57 5.58
N LYS D 225 5.99 15.19 6.08
CA LYS D 225 4.66 14.69 5.77
C LYS D 225 4.31 14.90 4.30
N ALA D 226 4.88 15.91 3.66
CA ALA D 226 4.63 16.10 2.23
C ALA D 226 5.32 15.01 1.42
N ALA D 227 6.53 14.62 1.82
CA ALA D 227 7.20 13.53 1.13
C ALA D 227 6.49 12.21 1.37
N ARG D 228 5.98 12.00 2.59
CA ARG D 228 5.24 10.78 2.88
C ARG D 228 3.92 10.74 2.13
N ALA D 229 3.28 11.88 1.91
CA ALA D 229 2.05 11.90 1.15
C ALA D 229 2.29 11.47 -0.28
N GLU D 230 3.40 11.93 -0.88
CA GLU D 230 3.77 11.47 -2.22
C GLU D 230 4.18 10.01 -2.20
N PHE D 231 4.92 9.60 -1.15
CA PHE D 231 5.33 8.21 -1.00
C PHE D 231 4.11 7.29 -0.95
N GLU D 232 3.14 7.63 -0.09
CA GLU D 232 1.95 6.80 0.07
C GLU D 232 1.06 6.85 -1.17
N GLU D 233 1.02 7.99 -1.85
CA GLU D 233 0.28 8.08 -3.11
C GLU D 233 0.81 7.06 -4.11
N GLY D 234 2.13 6.92 -4.20
CA GLY D 234 2.71 5.95 -5.11
C GLY D 234 2.46 4.51 -4.67
N VAL D 235 2.49 4.25 -3.37
CA VAL D 235 2.25 2.90 -2.87
C VAL D 235 0.83 2.46 -3.21
N PHE D 236 -0.16 3.31 -2.94
CA PHE D 236 -1.55 2.90 -3.10
C PHE D 236 -2.06 3.06 -4.52
N GLU D 237 -1.46 3.94 -5.32
CA GLU D 237 -1.79 3.96 -6.74
C GLU D 237 -1.28 2.69 -7.42
N PHE D 238 -0.08 2.25 -7.04
CA PHE D 238 0.44 1.00 -7.57
C PHE D 238 -0.43 -0.18 -7.16
N LEU D 239 -0.72 -0.31 -5.87
CA LEU D 239 -1.50 -1.44 -5.39
C LEU D 239 -2.95 -1.38 -5.87
N GLY D 240 -3.49 -0.18 -6.08
CA GLY D 240 -4.84 -0.08 -6.63
C GLY D 240 -4.93 -0.64 -8.04
N LEU D 241 -3.90 -0.43 -8.85
CA LEU D 241 -3.85 -1.02 -10.18
C LEU D 241 -3.81 -2.54 -10.11
N VAL D 242 -3.02 -3.08 -9.19
CA VAL D 242 -2.91 -4.52 -9.05
C VAL D 242 -4.24 -5.12 -8.58
N GLU D 243 -4.91 -4.44 -7.65
CA GLU D 243 -6.18 -4.94 -7.13
C GLU D 243 -7.23 -5.00 -8.22
N ARG D 244 -7.38 -3.91 -8.98
CA ARG D 244 -8.35 -3.92 -10.08
C ARG D 244 -7.95 -4.91 -11.16
N TYR D 245 -6.66 -5.19 -11.29
CA TYR D 245 -6.21 -6.21 -12.23
C TYR D 245 -6.67 -7.59 -11.79
N TRP D 246 -6.41 -7.95 -10.54
CA TRP D 246 -6.82 -9.26 -10.05
C TRP D 246 -8.34 -9.38 -10.00
N ASP D 247 -9.06 -8.26 -9.83
CA ASP D 247 -10.52 -8.29 -9.90
C ASP D 247 -10.97 -8.71 -11.29
N GLY D 248 -10.36 -8.13 -12.33
CA GLY D 248 -10.72 -8.48 -13.69
C GLY D 248 -10.32 -9.90 -14.07
N VAL D 249 -9.15 -10.34 -13.60
CA VAL D 249 -8.71 -11.71 -13.87
C VAL D 249 -9.64 -12.70 -13.18
N ARG D 250 -10.08 -12.37 -11.96
CA ARG D 250 -10.96 -13.27 -11.23
C ARG D 250 -12.26 -13.52 -11.99
N GLU D 251 -12.84 -12.47 -12.57
CA GLU D 251 -14.05 -12.64 -13.36
C GLU D 251 -13.76 -13.41 -14.65
N LEU D 252 -12.58 -13.25 -15.23
CA LEU D 252 -12.29 -13.93 -16.49
C LEU D 252 -12.14 -15.43 -16.28
N VAL D 253 -11.43 -15.85 -15.22
CA VAL D 253 -11.30 -17.29 -14.97
C VAL D 253 -12.50 -17.83 -14.22
N GLY D 254 -13.08 -17.03 -13.31
CA GLY D 254 -14.29 -17.43 -12.61
C GLY D 254 -14.05 -18.44 -11.49
N ILE D 255 -15.04 -19.28 -11.26
CA ILE D 255 -14.97 -20.26 -10.19
C ILE D 255 -15.92 -21.43 -10.45
C1 GOL E . 34.92 7.32 -17.47
O1 GOL E . 36.17 7.61 -18.01
C2 GOL E . 34.07 8.59 -17.46
O2 GOL E . 32.76 8.29 -17.06
C3 GOL E . 34.07 9.20 -18.86
O3 GOL E . 33.27 8.45 -19.72
C ACT F . 32.38 5.23 -18.18
O ACT F . 32.78 4.68 -17.11
OXT ACT F . 31.77 6.32 -18.12
CH3 ACT F . 32.66 4.57 -19.53
NA NA G . 46.48 4.91 -23.89
MG MG H . 47.77 18.97 -6.50
C ACT I . -28.88 7.88 -1.47
O ACT I . -29.74 7.61 -0.59
OXT ACT I . -29.24 8.32 -2.58
CH3 ACT I . -27.40 7.69 -1.16
C ACT J . -33.26 13.65 27.12
O ACT J . -34.16 13.40 26.28
OXT ACT J . -32.72 12.71 27.76
CH3 ACT J . -32.84 15.09 27.39
MG MG K . -21.82 8.57 -22.21
C1 BU2 L . -16.29 -13.94 30.26
O1 BU2 L . -15.31 -14.66 30.96
C2 BU2 L . -15.67 -12.72 29.57
C3 BU2 L . -16.68 -11.59 29.56
O3 BU2 L . -16.11 -10.44 30.14
C4 BU2 L . -17.07 -11.27 28.12
MG MG M . -6.40 -11.15 7.33
C ACT N . 5.19 -24.66 -2.22
O ACT N . 3.98 -24.32 -2.30
OXT ACT N . 5.93 -24.58 -3.23
CH3 ACT N . 5.76 -25.15 -0.89
C1 BU2 O . 9.10 -5.18 -11.79
O1 BU2 O . 7.97 -4.38 -11.91
C2 BU2 O . 8.68 -6.61 -11.44
C3 BU2 O . 9.57 -7.14 -10.33
O3 BU2 O . 9.08 -6.75 -9.08
C4 BU2 O . 9.58 -8.67 -10.40
MG MG P . -2.13 -25.76 -19.56
#